data_1DCP
#
_entry.id   1DCP
#
_cell.length_a   105.700
_cell.length_b   105.700
_cell.length_c   196.170
_cell.angle_alpha   90.00
_cell.angle_beta   90.00
_cell.angle_gamma   120.00
#
_symmetry.space_group_name_H-M   'P 32 2 1'
#
loop_
_entity.id
_entity.type
_entity.pdbx_description
1 polymer DCOH
2 non-polymer 7,8-DIHYDROBIOPTERIN
3 water water
#
_entity_poly.entity_id   1
_entity_poly.type   'polypeptide(L)'
_entity_poly.pdbx_seq_one_letter_code
;MAGKAHRLSAEERDQLLPNLRAVGWNELEGRDAIFKQFHFKDFNRAFGFMTRVALQAEKLDHHPEWFNVYNKVHITLSTH
ECAGLSERDINLASFIEQVAVSMT
;
_entity_poly.pdbx_strand_id   A,B,C,D,E,F,G,H
#
loop_
_chem_comp.id
_chem_comp.type
_chem_comp.name
_chem_comp.formula
HBI non-polymer 7,8-DIHYDROBIOPTERIN 'C9 H13 N5 O3'
#
# COMPACT_ATOMS: atom_id res chain seq x y z
N HIS A 6 6.15 24.70 -8.26
CA HIS A 6 5.64 23.43 -8.76
C HIS A 6 4.44 22.91 -7.98
N ARG A 7 3.68 23.84 -7.39
CA ARG A 7 2.50 23.49 -6.64
C ARG A 7 1.51 22.66 -7.46
N LEU A 8 1.76 21.35 -7.46
CA LEU A 8 0.97 20.35 -8.15
C LEU A 8 -0.41 20.80 -8.61
N SER A 9 -0.70 20.44 -9.85
CA SER A 9 -1.98 20.72 -10.48
C SER A 9 -3.04 19.82 -9.90
N ALA A 10 -4.28 20.13 -10.26
CA ALA A 10 -5.44 19.38 -9.84
C ALA A 10 -5.49 18.05 -10.58
N GLU A 11 -4.85 18.02 -11.77
CA GLU A 11 -4.76 16.83 -12.63
C GLU A 11 -3.75 15.89 -11.98
N GLU A 12 -2.65 16.53 -11.62
CA GLU A 12 -1.54 15.87 -10.99
C GLU A 12 -1.98 15.21 -9.70
N ARG A 13 -2.71 15.95 -8.87
CA ARG A 13 -3.16 15.40 -7.59
C ARG A 13 -3.85 14.03 -7.70
N ASP A 14 -4.82 14.00 -8.62
CA ASP A 14 -5.68 12.87 -8.93
C ASP A 14 -4.93 11.59 -9.28
N GLN A 15 -3.81 11.77 -9.96
CA GLN A 15 -2.97 10.68 -10.38
C GLN A 15 -1.95 10.16 -9.36
N LEU A 16 -1.53 10.99 -8.42
CA LEU A 16 -0.52 10.67 -7.44
C LEU A 16 -1.05 10.35 -6.05
N LEU A 17 -1.91 11.23 -5.58
CA LEU A 17 -2.47 11.03 -4.28
C LEU A 17 -3.04 9.66 -3.97
N PRO A 18 -3.74 9.10 -4.94
CA PRO A 18 -4.36 7.81 -4.79
C PRO A 18 -3.63 6.79 -3.92
N ASN A 19 -2.48 6.34 -4.40
CA ASN A 19 -1.68 5.35 -3.70
C ASN A 19 -1.41 5.76 -2.28
N LEU A 20 -1.31 7.08 -2.13
CA LEU A 20 -1.00 7.72 -0.88
C LEU A 20 -2.21 7.72 -0.01
N ARG A 21 -3.29 8.23 -0.60
CA ARG A 21 -4.56 8.23 0.07
C ARG A 21 -4.83 6.79 0.54
N ALA A 22 -4.59 5.88 -0.39
CA ALA A 22 -4.79 4.48 -0.11
C ALA A 22 -4.08 3.98 1.13
N VAL A 23 -2.85 4.46 1.39
CA VAL A 23 -2.06 4.02 2.54
C VAL A 23 -2.26 4.77 3.85
N GLY A 24 -3.11 5.78 3.82
CA GLY A 24 -3.38 6.51 5.04
C GLY A 24 -2.91 7.93 4.99
N TRP A 25 -2.33 8.38 3.85
CA TRP A 25 -1.90 9.76 3.79
C TRP A 25 -3.11 10.61 3.57
N ASN A 26 -3.13 11.77 4.23
CA ASN A 26 -4.27 12.67 4.19
C ASN A 26 -3.92 14.09 3.82
N GLU A 27 -4.92 14.75 3.23
CA GLU A 27 -4.76 16.12 2.89
C GLU A 27 -5.38 16.98 3.97
N LEU A 28 -4.67 18.03 4.32
CA LEU A 28 -5.06 18.97 5.36
C LEU A 28 -5.89 20.19 4.94
N GLU A 29 -6.94 20.44 5.70
CA GLU A 29 -7.74 21.63 5.51
C GLU A 29 -7.00 22.75 6.19
N GLY A 30 -6.75 23.80 5.48
CA GLY A 30 -6.01 24.85 6.14
C GLY A 30 -4.76 25.14 5.39
N ARG A 31 -4.19 24.09 4.85
CA ARG A 31 -2.96 24.22 4.11
C ARG A 31 -2.73 23.10 3.11
N ASP A 32 -1.97 23.43 2.07
CA ASP A 32 -1.64 22.48 1.04
C ASP A 32 -0.57 21.50 1.51
N ALA A 33 -1.00 20.47 2.26
CA ALA A 33 -0.04 19.57 2.82
C ALA A 33 -0.65 18.22 3.08
N ILE A 34 0.15 17.15 3.02
CA ILE A 34 -0.42 15.84 3.37
C ILE A 34 0.20 15.40 4.63
N PHE A 35 -0.50 14.56 5.33
CA PHE A 35 -0.05 14.16 6.63
C PHE A 35 -0.26 12.69 6.89
N LYS A 36 0.44 12.21 7.90
CA LYS A 36 0.37 10.83 8.26
C LYS A 36 1.11 10.54 9.51
N GLN A 37 0.46 9.70 10.27
CA GLN A 37 0.88 9.23 11.56
C GLN A 37 1.30 7.75 11.57
N PHE A 38 2.55 7.51 11.94
CA PHE A 38 3.06 6.15 11.99
C PHE A 38 3.23 5.70 13.41
N HIS A 39 3.02 4.43 13.49
CA HIS A 39 3.14 3.75 14.73
C HIS A 39 4.02 2.52 14.58
N PHE A 40 5.00 2.39 15.48
CA PHE A 40 5.93 1.30 15.53
C PHE A 40 5.90 0.58 16.85
N LYS A 41 6.54 -0.58 16.87
CA LYS A 41 6.64 -1.43 18.04
C LYS A 41 7.46 -0.78 19.16
N ASP A 42 8.44 0.08 18.79
CA ASP A 42 9.29 0.77 19.77
C ASP A 42 10.01 1.99 19.19
N PHE A 43 10.82 2.58 20.04
CA PHE A 43 11.57 3.76 19.67
C PHE A 43 12.73 3.48 18.71
N ASN A 44 13.32 2.31 18.89
CA ASN A 44 14.42 1.87 18.06
C ASN A 44 13.99 1.86 16.63
N ARG A 45 12.88 1.21 16.41
CA ARG A 45 12.36 1.17 15.06
C ARG A 45 12.00 2.57 14.63
N ALA A 46 11.27 3.23 15.51
CA ALA A 46 10.85 4.58 15.24
C ALA A 46 12.02 5.42 14.82
N PHE A 47 13.09 5.35 15.63
CA PHE A 47 14.28 6.12 15.32
C PHE A 47 15.07 5.65 14.11
N GLY A 48 15.13 4.34 13.89
CA GLY A 48 15.85 3.80 12.76
C GLY A 48 15.15 4.30 11.53
N PHE A 49 13.83 4.39 11.68
CA PHE A 49 12.99 4.95 10.63
C PHE A 49 13.34 6.40 10.32
N MET A 50 13.38 7.23 11.39
CA MET A 50 13.67 8.63 11.13
C MET A 50 14.93 8.87 10.41
N THR A 51 15.85 8.02 10.80
CA THR A 51 17.19 8.07 10.25
C THR A 51 17.23 7.86 8.75
N ARG A 52 16.61 6.80 8.28
CA ARG A 52 16.62 6.57 6.85
C ARG A 52 15.99 7.70 6.08
N VAL A 53 14.90 8.15 6.68
CA VAL A 53 14.22 9.29 6.11
C VAL A 53 15.13 10.51 6.08
N ALA A 54 15.71 10.77 7.26
CA ALA A 54 16.61 11.89 7.39
C ALA A 54 17.62 11.90 6.26
N LEU A 55 18.18 10.71 5.95
CA LEU A 55 19.20 10.54 4.89
C LEU A 55 18.66 10.94 3.54
N GLN A 56 17.45 10.47 3.24
CA GLN A 56 16.83 10.86 1.98
C GLN A 56 16.55 12.37 1.93
N ALA A 57 15.95 12.88 3.03
CA ALA A 57 15.61 14.29 3.15
C ALA A 57 16.75 15.17 2.68
N GLU A 58 17.90 14.87 3.28
CA GLU A 58 19.15 15.55 3.01
C GLU A 58 19.62 15.44 1.58
N LYS A 59 19.56 14.21 1.05
CA LYS A 59 19.98 13.91 -0.32
C LYS A 59 19.20 14.79 -1.28
N LEU A 60 17.89 14.86 -1.00
CA LEU A 60 16.97 15.66 -1.79
C LEU A 60 16.95 17.14 -1.47
N ASP A 61 17.16 17.48 -0.20
CA ASP A 61 17.08 18.84 0.27
C ASP A 61 15.62 19.18 0.43
N HIS A 62 14.90 18.22 0.99
CA HIS A 62 13.49 18.35 1.21
C HIS A 62 13.19 17.72 2.54
N HIS A 63 12.84 18.56 3.48
CA HIS A 63 12.64 18.09 4.83
C HIS A 63 11.21 18.09 5.27
N PRO A 64 10.99 17.14 6.18
CA PRO A 64 9.74 16.93 6.86
C PRO A 64 9.59 17.72 8.14
N GLU A 65 8.34 17.80 8.48
CA GLU A 65 7.85 18.35 9.69
C GLU A 65 7.36 17.13 10.44
N TRP A 66 8.14 16.57 11.34
CA TRP A 66 7.68 15.41 12.06
C TRP A 66 7.85 15.64 13.54
N PHE A 67 7.01 14.97 14.30
CA PHE A 67 6.97 14.97 15.73
C PHE A 67 7.16 13.53 16.19
N ASN A 68 7.86 13.34 17.28
CA ASN A 68 8.02 12.01 17.77
C ASN A 68 7.89 12.02 19.26
N VAL A 69 7.22 11.00 19.66
CA VAL A 69 7.10 10.74 21.06
C VAL A 69 7.19 9.23 21.18
N TYR A 70 8.33 8.74 21.64
CA TYR A 70 8.55 7.30 21.69
C TYR A 70 8.40 6.51 20.37
N ASN A 71 7.29 5.77 20.27
CA ASN A 71 7.10 4.90 19.11
C ASN A 71 6.18 5.36 17.97
N LYS A 72 5.72 6.61 17.97
CA LYS A 72 4.93 7.04 16.84
C LYS A 72 5.50 8.33 16.32
N VAL A 73 5.35 8.50 15.02
CA VAL A 73 5.87 9.69 14.39
C VAL A 73 4.86 10.22 13.44
N HIS A 74 4.56 11.54 13.54
CA HIS A 74 3.60 12.21 12.65
C HIS A 74 4.38 12.90 11.58
N ILE A 75 4.02 12.70 10.32
CA ILE A 75 4.81 13.40 9.33
C ILE A 75 4.02 14.41 8.51
N THR A 76 4.57 15.59 8.25
CA THR A 76 3.82 16.53 7.44
C THR A 76 4.67 17.02 6.28
N LEU A 77 4.21 16.83 5.03
CA LEU A 77 4.93 17.29 3.84
C LEU A 77 4.16 18.34 3.06
N SER A 78 4.92 19.34 2.66
CA SER A 78 4.51 20.51 1.93
C SER A 78 5.79 21.12 1.48
N THR A 79 5.72 21.84 0.39
CA THR A 79 6.93 22.42 -0.14
C THR A 79 7.00 23.91 0.12
N HIS A 80 7.94 24.31 0.95
CA HIS A 80 8.04 25.72 1.28
C HIS A 80 8.08 26.54 0.01
N GLU A 81 9.00 26.22 -0.89
CA GLU A 81 9.15 26.90 -2.18
C GLU A 81 7.86 27.41 -2.85
N CYS A 82 6.95 26.50 -3.20
CA CYS A 82 5.70 26.84 -3.87
C CYS A 82 4.46 26.83 -2.98
N ALA A 83 4.70 26.99 -1.70
CA ALA A 83 3.66 26.99 -0.67
C ALA A 83 2.59 25.91 -0.79
N GLY A 84 2.97 24.67 -1.12
CA GLY A 84 1.98 23.61 -1.22
C GLY A 84 2.54 22.26 -1.56
N LEU A 85 1.67 21.32 -1.86
CA LEU A 85 2.15 20.02 -2.21
C LEU A 85 2.89 20.03 -3.56
N SER A 86 3.90 19.16 -3.70
CA SER A 86 4.65 19.04 -4.94
C SER A 86 5.11 17.63 -5.24
N GLU A 87 5.70 17.49 -6.44
CA GLU A 87 6.19 16.22 -6.88
C GLU A 87 7.03 15.56 -5.80
N ARG A 88 7.82 16.41 -5.16
CA ARG A 88 8.72 16.05 -4.05
C ARG A 88 8.05 15.42 -2.83
N ASP A 89 7.15 16.16 -2.22
CA ASP A 89 6.47 15.64 -1.08
C ASP A 89 5.98 14.23 -1.41
N ILE A 90 5.62 14.10 -2.68
CA ILE A 90 5.11 12.86 -3.18
C ILE A 90 6.15 11.76 -3.19
N ASN A 91 7.24 12.07 -3.88
CA ASN A 91 8.39 11.17 -4.00
C ASN A 91 8.80 10.70 -2.63
N LEU A 92 9.01 11.72 -1.81
CA LEU A 92 9.44 11.55 -0.46
C LEU A 92 8.51 10.65 0.28
N ALA A 93 7.25 11.02 0.19
CA ALA A 93 6.25 10.27 0.88
C ALA A 93 6.31 8.80 0.48
N SER A 94 6.60 8.60 -0.79
CA SER A 94 6.63 7.25 -1.32
C SER A 94 7.72 6.49 -0.63
N PHE A 95 8.83 7.18 -0.58
CA PHE A 95 10.01 6.67 0.06
C PHE A 95 9.70 6.34 1.52
N ILE A 96 9.04 7.27 2.21
CA ILE A 96 8.71 7.01 3.59
C ILE A 96 8.02 5.68 3.72
N GLU A 97 7.10 5.43 2.81
CA GLU A 97 6.37 4.19 2.81
C GLU A 97 7.27 2.95 2.69
N GLN A 98 8.18 2.95 1.75
CA GLN A 98 9.08 1.80 1.69
C GLN A 98 9.79 1.62 3.01
N VAL A 99 10.37 2.69 3.50
CA VAL A 99 11.06 2.57 4.75
C VAL A 99 10.17 1.95 5.83
N ALA A 100 8.94 2.44 5.90
CA ALA A 100 8.04 1.97 6.93
C ALA A 100 7.80 0.47 6.95
N VAL A 101 7.73 -0.08 5.75
CA VAL A 101 7.50 -1.48 5.57
C VAL A 101 8.61 -2.26 6.24
N SER A 102 9.84 -1.79 6.04
CA SER A 102 10.99 -2.48 6.62
C SER A 102 11.01 -2.33 8.11
N MET A 103 9.85 -2.17 8.74
CA MET A 103 9.91 -1.99 10.16
C MET A 103 9.03 -2.88 11.00
N THR A 104 9.66 -3.99 11.36
CA THR A 104 9.07 -4.99 12.20
C THR A 104 10.15 -5.57 13.12
N HIS B 6 9.70 10.00 42.77
CA HIS B 6 9.77 10.21 41.33
C HIS B 6 9.01 11.45 40.94
N ARG B 7 8.53 12.18 41.91
CA ARG B 7 7.85 13.37 41.54
C ARG B 7 8.35 14.62 42.21
N LEU B 8 8.58 15.61 41.36
CA LEU B 8 9.14 16.86 41.81
C LEU B 8 8.43 17.63 42.93
N SER B 9 9.12 17.61 44.08
CA SER B 9 8.74 18.32 45.27
C SER B 9 9.45 19.66 45.16
N ALA B 10 8.71 20.74 45.44
CA ALA B 10 9.22 22.10 45.29
C ALA B 10 10.65 22.36 45.74
N GLU B 11 11.07 21.66 46.79
CA GLU B 11 12.43 21.80 47.25
C GLU B 11 13.34 21.52 46.07
N GLU B 12 13.02 20.39 45.43
CA GLU B 12 13.74 19.85 44.28
C GLU B 12 13.64 20.76 43.08
N ARG B 13 12.40 21.04 42.75
CA ARG B 13 12.13 21.93 41.65
C ARG B 13 12.95 23.18 41.83
N ASP B 14 12.79 23.70 43.03
CA ASP B 14 13.46 24.90 43.44
C ASP B 14 14.98 24.81 43.33
N GLN B 15 15.55 23.62 43.47
CA GLN B 15 16.99 23.52 43.38
C GLN B 15 17.46 23.04 42.01
N LEU B 16 16.57 22.26 41.39
CA LEU B 16 16.88 21.69 40.11
C LEU B 16 16.58 22.62 38.95
N LEU B 17 15.33 22.98 38.84
CA LEU B 17 14.84 23.86 37.80
C LEU B 17 15.68 25.06 37.41
N PRO B 18 16.19 25.78 38.36
CA PRO B 18 16.94 26.99 38.05
C PRO B 18 17.92 27.03 36.90
N ASN B 19 18.89 26.13 36.88
CA ASN B 19 19.94 26.15 35.86
C ASN B 19 19.46 25.93 34.46
N LEU B 20 18.33 25.25 34.40
CA LEU B 20 17.68 24.98 33.13
C LEU B 20 16.96 26.21 32.63
N ARG B 21 16.09 26.69 33.52
CA ARG B 21 15.31 27.92 33.37
C ARG B 21 16.25 29.01 32.86
N ALA B 22 17.40 29.07 33.44
CA ALA B 22 18.40 30.04 33.05
C ALA B 22 18.86 29.93 31.61
N VAL B 23 18.79 28.74 31.06
CA VAL B 23 19.29 28.63 29.72
C VAL B 23 18.16 28.55 28.74
N GLY B 24 16.94 28.56 29.23
CA GLY B 24 15.83 28.49 28.31
C GLY B 24 14.79 27.49 28.71
N TRP B 25 15.03 26.64 29.67
CA TRP B 25 13.91 25.77 29.91
C TRP B 25 12.78 26.49 30.61
N ASN B 26 11.57 26.02 30.35
CA ASN B 26 10.37 26.59 30.92
C ASN B 26 9.26 25.58 31.12
N GLU B 27 8.54 25.77 32.23
CA GLU B 27 7.45 24.91 32.63
C GLU B 27 6.21 25.34 31.89
N LEU B 28 5.38 24.35 31.59
CA LEU B 28 4.11 24.52 30.89
C LEU B 28 2.96 24.58 31.87
N GLU B 29 1.82 24.97 31.31
CA GLU B 29 0.55 25.13 32.00
C GLU B 29 -0.36 23.89 31.94
N GLY B 30 -0.86 23.47 33.11
CA GLY B 30 -1.79 22.36 33.23
C GLY B 30 -1.20 21.00 32.95
N ARG B 31 0.11 20.99 32.90
CA ARG B 31 0.89 19.81 32.67
C ARG B 31 2.26 20.08 33.25
N ASP B 32 2.72 19.15 34.07
CA ASP B 32 4.02 19.23 34.70
C ASP B 32 5.11 18.71 33.78
N ALA B 33 5.68 19.67 33.06
CA ALA B 33 6.67 19.35 32.10
C ALA B 33 7.46 20.56 31.69
N ILE B 34 8.64 20.30 31.19
CA ILE B 34 9.43 21.40 30.70
C ILE B 34 9.62 21.31 29.20
N PHE B 35 9.84 22.47 28.64
CA PHE B 35 9.97 22.65 27.25
C PHE B 35 11.10 23.58 26.95
N LYS B 36 11.56 23.48 25.73
CA LYS B 36 12.62 24.33 25.21
C LYS B 36 12.72 24.11 23.72
N GLN B 37 12.94 25.21 23.03
CA GLN B 37 13.09 25.25 21.60
C GLN B 37 14.54 25.46 21.28
N PHE B 38 15.09 24.67 20.35
CA PHE B 38 16.48 24.76 19.88
C PHE B 38 16.48 25.13 18.40
N HIS B 39 17.46 25.87 17.99
CA HIS B 39 17.54 26.39 16.64
C HIS B 39 18.98 26.36 16.11
N PHE B 40 19.31 25.31 15.36
CA PHE B 40 20.62 25.11 14.81
C PHE B 40 20.71 25.78 13.52
N LYS B 41 21.86 25.67 12.94
CA LYS B 41 22.06 26.36 11.72
C LYS B 41 21.45 25.59 10.62
N ASP B 42 21.41 24.27 10.79
CA ASP B 42 20.96 23.41 9.72
C ASP B 42 20.51 22.07 10.22
N PHE B 43 20.14 21.23 9.24
CA PHE B 43 19.59 19.91 9.49
C PHE B 43 20.64 18.93 9.91
N ASN B 44 21.79 19.03 9.28
CA ASN B 44 22.87 18.14 9.64
C ASN B 44 23.13 18.21 11.14
N ARG B 45 23.17 19.44 11.59
CA ARG B 45 23.42 19.71 12.99
C ARG B 45 22.24 19.31 13.82
N ALA B 46 21.06 19.72 13.38
CA ALA B 46 19.84 19.41 14.12
C ALA B 46 19.65 17.91 14.38
N PHE B 47 19.83 17.10 13.32
CA PHE B 47 19.68 15.64 13.35
C PHE B 47 20.78 14.99 14.21
N GLY B 48 22.02 15.36 13.89
CA GLY B 48 23.13 14.94 14.67
C GLY B 48 22.82 15.23 16.12
N PHE B 49 22.22 16.36 16.37
CA PHE B 49 21.86 16.65 17.73
C PHE B 49 20.82 15.67 18.29
N MET B 50 19.84 15.30 17.46
CA MET B 50 18.81 14.36 17.91
C MET B 50 19.29 12.94 18.08
N THR B 51 20.24 12.62 17.21
CA THR B 51 20.82 11.29 17.24
C THR B 51 21.46 11.03 18.59
N ARG B 52 22.37 11.92 19.00
CA ARG B 52 23.00 11.82 20.32
C ARG B 52 21.93 11.79 21.39
N VAL B 53 20.89 12.56 21.21
CA VAL B 53 19.90 12.48 22.23
C VAL B 53 19.22 11.13 22.20
N ALA B 54 18.97 10.67 20.99
CA ALA B 54 18.32 9.39 20.85
C ALA B 54 19.10 8.31 21.59
N LEU B 55 20.42 8.24 21.33
CA LEU B 55 21.26 7.23 21.97
C LEU B 55 21.04 7.17 23.45
N GLN B 56 21.12 8.36 24.06
CA GLN B 56 20.97 8.46 25.50
C GLN B 56 19.60 8.12 26.05
N ALA B 57 18.60 8.49 25.27
CA ALA B 57 17.20 8.22 25.55
C ALA B 57 17.03 6.72 25.61
N GLU B 58 17.69 6.08 24.67
CA GLU B 58 17.57 4.64 24.64
C GLU B 58 18.38 4.11 25.79
N LYS B 59 19.50 4.77 26.01
CA LYS B 59 20.32 4.35 27.10
C LYS B 59 19.60 4.42 28.47
N LEU B 60 18.88 5.51 28.76
CA LEU B 60 18.20 5.66 30.04
C LEU B 60 16.74 5.24 30.00
N ASP B 61 16.24 4.91 28.83
CA ASP B 61 14.86 4.50 28.76
C ASP B 61 13.94 5.62 29.17
N HIS B 62 14.21 6.82 28.68
CA HIS B 62 13.42 8.00 28.96
C HIS B 62 13.39 8.79 27.67
N HIS B 63 12.20 8.98 27.14
CA HIS B 63 12.08 9.64 25.87
C HIS B 63 11.53 11.05 25.87
N PRO B 64 12.00 11.83 24.91
CA PRO B 64 11.52 13.18 24.77
C PRO B 64 10.37 13.23 23.80
N GLU B 65 9.59 14.29 23.92
CA GLU B 65 8.47 14.60 23.06
C GLU B 65 9.01 15.70 22.23
N TRP B 66 9.14 15.50 20.95
CA TRP B 66 9.84 16.55 20.23
C TRP B 66 9.46 16.63 18.78
N PHE B 67 9.53 17.85 18.27
CA PHE B 67 9.16 18.20 16.92
C PHE B 67 10.32 18.76 16.10
N ASN B 68 10.39 18.44 14.82
CA ASN B 68 11.47 19.04 14.09
C ASN B 68 11.10 19.42 12.71
N VAL B 69 11.68 20.51 12.35
CA VAL B 69 11.54 20.98 11.01
C VAL B 69 12.87 21.54 10.67
N TYR B 70 13.44 20.98 9.65
CA TYR B 70 14.73 21.49 9.24
C TYR B 70 15.69 21.74 10.42
N ASN B 71 16.00 23.03 10.70
CA ASN B 71 16.98 23.34 11.71
C ASN B 71 16.45 23.74 13.05
N LYS B 72 15.20 23.47 13.28
CA LYS B 72 14.65 23.76 14.59
C LYS B 72 14.16 22.46 15.23
N VAL B 73 14.31 22.32 16.56
CA VAL B 73 13.86 21.13 17.31
C VAL B 73 13.24 21.61 18.61
N HIS B 74 12.04 21.20 18.92
CA HIS B 74 11.39 21.61 20.16
C HIS B 74 11.30 20.40 21.01
N ILE B 75 11.70 20.53 22.29
CA ILE B 75 11.67 19.38 23.18
C ILE B 75 10.77 19.56 24.39
N THR B 76 10.11 18.49 24.74
CA THR B 76 9.25 18.55 25.89
C THR B 76 9.52 17.36 26.80
N LEU B 77 9.71 17.62 28.09
CA LEU B 77 9.98 16.55 29.03
C LEU B 77 9.06 16.44 30.25
N SER B 78 8.48 15.27 30.31
CA SER B 78 7.63 14.87 31.40
C SER B 78 7.76 13.37 31.57
N THR B 79 7.82 12.90 32.81
CA THR B 79 7.89 11.49 33.08
C THR B 79 6.49 10.87 33.04
N HIS B 80 6.31 9.71 32.40
CA HIS B 80 4.99 9.07 32.30
C HIS B 80 4.30 8.59 33.55
N GLU B 81 5.01 7.87 34.42
CA GLU B 81 4.37 7.43 35.65
C GLU B 81 3.96 8.63 36.50
N CYS B 82 4.87 9.16 37.31
CA CYS B 82 4.57 10.34 38.13
C CYS B 82 3.58 11.31 37.48
N ALA B 83 3.62 11.37 36.15
CA ALA B 83 2.79 12.25 35.34
C ALA B 83 3.14 13.71 35.54
N GLY B 84 4.43 13.96 35.59
CA GLY B 84 4.96 15.28 35.75
C GLY B 84 6.45 15.15 35.59
N LEU B 85 7.16 15.96 36.34
CA LEU B 85 8.58 15.97 36.30
C LEU B 85 9.17 14.93 37.22
N SER B 86 10.33 14.39 36.83
CA SER B 86 11.11 13.41 37.56
C SER B 86 12.59 13.72 37.46
N GLU B 87 13.37 13.15 38.36
CA GLU B 87 14.80 13.37 38.32
C GLU B 87 15.33 13.13 36.93
N ARG B 88 14.60 12.26 36.24
CA ARG B 88 14.85 11.84 34.90
C ARG B 88 14.77 12.96 33.87
N ASP B 89 13.75 13.77 33.95
CA ASP B 89 13.62 14.88 33.06
C ASP B 89 14.82 15.78 33.22
N ILE B 90 15.17 15.96 34.47
CA ILE B 90 16.31 16.79 34.76
C ILE B 90 17.58 16.31 34.09
N ASN B 91 17.82 15.03 34.17
CA ASN B 91 19.09 14.64 33.62
C ASN B 91 19.06 14.65 32.14
N LEU B 92 17.94 14.16 31.63
CA LEU B 92 17.91 14.14 30.20
C LEU B 92 18.17 15.55 29.73
N ALA B 93 17.46 16.43 30.39
CA ALA B 93 17.60 17.82 30.04
C ALA B 93 19.03 18.21 30.16
N SER B 94 19.62 17.86 31.29
CA SER B 94 21.00 18.31 31.49
C SER B 94 21.92 17.86 30.39
N PHE B 95 21.68 16.61 30.05
CA PHE B 95 22.38 15.96 29.03
C PHE B 95 22.17 16.70 27.75
N ILE B 96 20.90 16.95 27.47
CA ILE B 96 20.59 17.66 26.25
C ILE B 96 21.36 18.94 26.15
N GLU B 97 21.45 19.59 27.29
CA GLU B 97 22.16 20.83 27.22
C GLU B 97 23.63 20.69 26.83
N GLN B 98 24.26 19.61 27.30
CA GLN B 98 25.65 19.34 26.98
C GLN B 98 25.81 19.23 25.49
N VAL B 99 24.91 18.45 24.93
CA VAL B 99 24.88 18.27 23.51
C VAL B 99 24.58 19.52 22.66
N ALA B 100 23.58 20.31 23.03
CA ALA B 100 23.24 21.45 22.21
C ALA B 100 24.42 22.38 21.96
N VAL B 101 24.97 22.90 23.04
CA VAL B 101 26.10 23.82 23.02
C VAL B 101 27.27 23.38 22.15
N SER B 102 27.48 22.07 22.09
CA SER B 102 28.53 21.54 21.26
C SER B 102 28.37 22.05 19.83
N MET B 103 27.23 21.76 19.19
CA MET B 103 27.00 22.21 17.81
C MET B 103 27.06 23.69 17.71
N THR B 104 25.95 24.30 18.15
CA THR B 104 25.82 25.74 18.14
C THR B 104 27.10 26.36 17.65
N HIS C 6 31.48 -16.48 32.58
CA HIS C 6 31.41 -15.43 31.57
C HIS C 6 31.92 -15.73 30.18
N ARG C 7 33.18 -16.19 30.07
CA ARG C 7 33.68 -16.59 28.76
C ARG C 7 32.93 -17.87 28.44
N LEU C 8 32.56 -18.08 27.21
CA LEU C 8 31.77 -19.27 26.97
C LEU C 8 32.53 -20.55 27.22
N SER C 9 31.85 -21.53 27.73
CA SER C 9 32.50 -22.80 27.90
C SER C 9 32.31 -23.46 26.56
N ALA C 10 32.79 -24.66 26.41
CA ALA C 10 32.60 -25.35 25.15
C ALA C 10 31.19 -25.89 25.06
N GLU C 11 30.61 -26.18 26.22
CA GLU C 11 29.25 -26.67 26.21
C GLU C 11 28.37 -25.56 25.71
N GLU C 12 28.67 -24.38 26.24
CA GLU C 12 27.95 -23.17 25.89
C GLU C 12 28.00 -22.83 24.41
N ARG C 13 29.20 -22.79 23.89
CA ARG C 13 29.43 -22.49 22.49
C ARG C 13 28.61 -23.40 21.62
N ASP C 14 28.64 -24.63 22.06
CA ASP C 14 27.94 -25.67 21.37
C ASP C 14 26.43 -25.48 21.44
N GLN C 15 25.97 -24.75 22.44
CA GLN C 15 24.54 -24.48 22.57
C GLN C 15 24.09 -23.24 21.78
N LEU C 16 24.87 -22.18 21.91
CA LEU C 16 24.51 -20.94 21.30
C LEU C 16 24.92 -20.80 19.86
N LEU C 17 26.13 -21.21 19.61
CA LEU C 17 26.66 -21.02 18.30
C LEU C 17 25.96 -21.47 17.05
N PRO C 18 25.57 -22.73 16.97
CA PRO C 18 24.96 -23.29 15.78
C PRO C 18 23.97 -22.40 15.08
N ASN C 19 23.00 -21.85 15.83
CA ASN C 19 21.96 -20.97 15.28
C ASN C 19 22.51 -19.78 14.50
N LEU C 20 23.65 -19.25 14.99
CA LEU C 20 24.34 -18.13 14.42
C LEU C 20 25.19 -18.61 13.29
N ARG C 21 25.76 -19.78 13.50
CA ARG C 21 26.61 -20.34 12.46
C ARG C 21 25.76 -20.57 11.23
N ALA C 22 24.55 -21.07 11.47
CA ALA C 22 23.60 -21.43 10.43
C ALA C 22 23.42 -20.29 9.45
N VAL C 23 23.15 -19.17 10.09
CA VAL C 23 22.88 -17.87 9.54
C VAL C 23 24.03 -17.27 8.71
N GLY C 24 25.26 -17.52 9.14
CA GLY C 24 26.42 -17.00 8.43
C GLY C 24 27.51 -16.44 9.35
N TRP C 25 27.35 -16.52 10.66
CA TRP C 25 28.39 -16.01 11.57
C TRP C 25 29.49 -17.06 11.59
N ASN C 26 30.67 -16.67 12.02
CA ASN C 26 31.76 -17.61 11.98
C ASN C 26 32.88 -17.17 12.87
N GLU C 27 33.50 -18.14 13.57
CA GLU C 27 34.61 -17.80 14.43
C GLU C 27 35.82 -17.23 13.68
N LEU C 28 36.61 -16.42 14.36
CA LEU C 28 37.76 -15.82 13.72
C LEU C 28 38.91 -16.73 13.89
N GLU C 29 39.88 -16.60 13.05
CA GLU C 29 40.94 -17.54 13.20
C GLU C 29 41.92 -17.15 14.30
N GLY C 30 42.39 -15.95 14.34
CA GLY C 30 43.40 -15.64 15.36
C GLY C 30 42.78 -15.26 16.71
N ARG C 31 41.45 -15.17 16.79
CA ARG C 31 40.89 -14.71 18.06
C ARG C 31 39.50 -15.17 18.40
N ASP C 32 39.17 -15.12 19.69
CA ASP C 32 37.88 -15.54 20.18
C ASP C 32 36.73 -14.55 19.96
N ALA C 33 36.29 -14.45 18.71
CA ALA C 33 35.23 -13.56 18.33
C ALA C 33 34.43 -14.14 17.18
N ILE C 34 33.25 -13.57 16.94
CA ILE C 34 32.42 -13.97 15.80
C ILE C 34 32.39 -12.84 14.78
N PHE C 35 32.36 -13.22 13.54
CA PHE C 35 32.39 -12.27 12.47
C PHE C 35 31.23 -12.58 11.57
N LYS C 36 30.77 -11.53 10.92
CA LYS C 36 29.74 -11.62 9.94
C LYS C 36 29.72 -10.40 9.07
N GLN C 37 29.72 -10.62 7.78
CA GLN C 37 29.68 -9.54 6.83
C GLN C 37 28.30 -9.45 6.18
N PHE C 38 27.69 -8.27 6.28
CA PHE C 38 26.39 -7.91 5.75
C PHE C 38 26.52 -7.07 4.51
N HIS C 39 25.62 -7.34 3.60
CA HIS C 39 25.58 -6.61 2.36
C HIS C 39 24.17 -6.07 2.13
N PHE C 40 24.05 -4.78 1.77
CA PHE C 40 22.75 -4.17 1.52
C PHE C 40 22.73 -3.52 0.17
N LYS C 41 21.53 -3.14 -0.22
CA LYS C 41 21.30 -2.47 -1.48
C LYS C 41 22.07 -1.15 -1.58
N ASP C 42 22.16 -0.46 -0.45
CA ASP C 42 22.83 0.84 -0.47
C ASP C 42 23.24 1.30 0.93
N PHE C 43 23.79 2.50 0.94
CA PHE C 43 24.20 3.12 2.18
C PHE C 43 23.03 3.44 3.10
N ASN C 44 21.98 4.05 2.56
CA ASN C 44 20.80 4.39 3.36
C ASN C 44 20.42 3.24 4.30
N ARG C 45 20.37 2.10 3.67
CA ARG C 45 20.04 0.86 4.34
C ARG C 45 21.08 0.45 5.33
N ALA C 46 22.34 0.44 4.87
CA ALA C 46 23.41 0.05 5.80
C ALA C 46 23.44 0.99 7.00
N PHE C 47 23.53 2.29 6.73
CA PHE C 47 23.54 3.25 7.82
C PHE C 47 22.33 3.11 8.73
N GLY C 48 21.19 2.86 8.10
CA GLY C 48 19.95 2.67 8.82
C GLY C 48 20.10 1.58 9.83
N PHE C 49 20.62 0.45 9.33
CA PHE C 49 20.90 -0.73 10.15
C PHE C 49 21.95 -0.46 11.26
N MET C 50 23.01 0.27 10.95
CA MET C 50 23.93 0.66 12.02
C MET C 50 23.28 1.51 13.11
N THR C 51 22.37 2.36 12.69
CA THR C 51 21.67 3.15 13.63
C THR C 51 20.86 2.32 14.59
N ARG C 52 20.10 1.36 14.11
CA ARG C 52 19.35 0.55 15.05
C ARG C 52 20.21 -0.26 15.98
N VAL C 53 21.35 -0.75 15.50
CA VAL C 53 22.20 -1.48 16.44
C VAL C 53 22.93 -0.58 17.40
N ALA C 54 23.32 0.60 16.91
CA ALA C 54 23.97 1.56 17.75
C ALA C 54 23.11 1.85 18.97
N LEU C 55 21.78 1.93 18.76
CA LEU C 55 20.84 2.22 19.84
C LEU C 55 20.86 1.10 20.81
N GLN C 56 20.81 -0.08 20.19
CA GLN C 56 20.84 -1.28 20.95
C GLN C 56 22.13 -1.44 21.68
N ALA C 57 23.23 -1.15 20.98
CA ALA C 57 24.57 -1.24 21.54
C ALA C 57 24.63 -0.46 22.83
N GLU C 58 24.02 0.74 22.79
CA GLU C 58 24.06 1.63 23.94
C GLU C 58 23.13 1.18 25.04
N LYS C 59 21.98 0.72 24.64
CA LYS C 59 21.06 0.28 25.66
C LYS C 59 21.74 -0.74 26.58
N LEU C 60 22.49 -1.67 26.04
CA LEU C 60 23.09 -2.69 26.91
C LEU C 60 24.59 -2.62 27.10
N ASP C 61 25.17 -1.50 26.77
CA ASP C 61 26.57 -1.29 26.90
C ASP C 61 27.47 -2.43 26.40
N HIS C 62 27.24 -2.81 25.16
CA HIS C 62 28.04 -3.84 24.52
C HIS C 62 28.16 -3.45 23.06
N HIS C 63 29.36 -3.04 22.63
CA HIS C 63 29.60 -2.53 21.28
C HIS C 63 30.28 -3.46 20.32
N PRO C 64 30.14 -3.13 19.05
CA PRO C 64 30.69 -3.97 18.04
C PRO C 64 31.91 -3.39 17.36
N GLU C 65 32.75 -4.26 16.82
CA GLU C 65 33.85 -3.74 16.06
C GLU C 65 33.33 -3.78 14.67
N TRP C 66 33.15 -2.61 14.07
CA TRP C 66 32.58 -2.67 12.75
C TRP C 66 33.21 -1.80 11.72
N PHE C 67 32.98 -2.22 10.53
CA PHE C 67 33.54 -1.61 9.37
C PHE C 67 32.51 -1.38 8.28
N ASN C 68 32.56 -0.20 7.67
CA ASN C 68 31.62 0.13 6.61
C ASN C 68 32.22 0.87 5.44
N VAL C 69 31.74 0.45 4.29
CA VAL C 69 31.97 1.04 3.00
C VAL C 69 30.66 0.92 2.24
N TYR C 70 30.15 2.10 1.85
CA TYR C 70 28.90 2.16 1.15
C TYR C 70 27.87 1.23 1.76
N ASN C 71 27.56 0.17 1.04
CA ASN C 71 26.51 -0.73 1.44
C ASN C 71 26.96 -2.00 2.09
N LYS C 72 28.21 -2.07 2.49
CA LYS C 72 28.57 -3.28 3.21
C LYS C 72 28.95 -2.97 4.65
N VAL C 73 28.66 -3.90 5.52
CA VAL C 73 29.02 -3.73 6.91
C VAL C 73 29.61 -5.03 7.43
N HIS C 74 30.80 -4.99 8.03
CA HIS C 74 31.38 -6.17 8.66
C HIS C 74 31.28 -5.93 10.12
N ILE C 75 30.88 -6.98 10.85
CA ILE C 75 30.78 -6.84 12.27
C ILE C 75 31.49 -7.97 12.94
N THR C 76 32.33 -7.60 13.90
CA THR C 76 33.07 -8.53 14.69
C THR C 76 32.64 -8.42 16.13
N LEU C 77 32.42 -9.56 16.79
CA LEU C 77 32.00 -9.55 18.17
C LEU C 77 32.81 -10.44 19.05
N SER C 78 33.09 -9.85 20.17
CA SER C 78 33.86 -10.43 21.22
C SER C 78 33.66 -9.62 22.47
N THR C 79 33.54 -10.31 23.56
CA THR C 79 33.44 -9.65 24.83
C THR C 79 34.85 -9.44 25.35
N HIS C 80 35.25 -8.19 25.29
CA HIS C 80 36.58 -7.79 25.65
C HIS C 80 37.01 -8.12 27.07
N GLU C 81 36.15 -7.74 27.99
CA GLU C 81 36.42 -7.97 29.39
C GLU C 81 36.75 -9.42 29.74
N CYS C 82 36.23 -10.40 29.00
CA CYS C 82 36.58 -11.80 29.25
C CYS C 82 37.68 -12.16 28.27
N ALA C 83 37.82 -11.33 27.27
CA ALA C 83 38.79 -11.58 26.23
C ALA C 83 38.36 -12.74 25.32
N GLY C 84 37.03 -12.80 25.07
CA GLY C 84 36.44 -13.81 24.19
C GLY C 84 34.93 -13.74 24.17
N LEU C 85 34.29 -14.76 23.62
CA LEU C 85 32.84 -14.74 23.54
C LEU C 85 32.21 -14.77 24.91
N SER C 86 31.19 -13.92 25.07
CA SER C 86 30.37 -13.87 26.27
C SER C 86 28.96 -14.01 25.79
N GLU C 87 27.97 -13.90 26.68
CA GLU C 87 26.59 -14.01 26.19
C GLU C 87 26.21 -12.75 25.41
N ARG C 88 26.77 -11.65 25.93
CA ARG C 88 26.58 -10.34 25.33
C ARG C 88 26.71 -10.43 23.82
N ASP C 89 27.83 -11.00 23.40
CA ASP C 89 28.10 -11.15 21.97
C ASP C 89 26.92 -11.83 21.27
N ILE C 90 26.53 -12.95 21.84
CA ILE C 90 25.42 -13.74 21.36
C ILE C 90 24.12 -12.91 21.34
N ASN C 91 23.70 -12.31 22.46
CA ASN C 91 22.47 -11.54 22.41
C ASN C 91 22.60 -10.49 21.32
N LEU C 92 23.64 -9.74 21.46
CA LEU C 92 23.81 -8.73 20.47
C LEU C 92 23.70 -9.31 19.08
N ALA C 93 24.43 -10.37 18.81
CA ALA C 93 24.39 -10.94 17.50
C ALA C 93 22.96 -11.29 17.10
N SER C 94 22.23 -11.83 18.05
CA SER C 94 20.83 -12.21 17.83
C SER C 94 20.06 -11.04 17.31
N PHE C 95 20.19 -9.92 18.02
CA PHE C 95 19.56 -8.64 17.69
C PHE C 95 19.95 -8.13 16.29
N ILE C 96 21.24 -8.16 15.99
CA ILE C 96 21.73 -7.71 14.70
C ILE C 96 21.03 -8.49 13.59
N GLU C 97 20.72 -9.73 13.92
CA GLU C 97 20.08 -10.58 12.93
C GLU C 97 18.67 -10.12 12.59
N GLN C 98 17.97 -9.77 13.66
CA GLN C 98 16.63 -9.23 13.58
C GLN C 98 16.66 -7.99 12.70
N VAL C 99 17.37 -6.93 13.17
CA VAL C 99 17.49 -5.73 12.36
C VAL C 99 17.80 -6.07 10.91
N ALA C 100 18.75 -6.98 10.70
CA ALA C 100 19.18 -7.29 9.34
C ALA C 100 18.13 -7.87 8.40
N VAL C 101 17.20 -8.64 8.95
CA VAL C 101 16.20 -9.30 8.14
C VAL C 101 15.13 -8.40 7.54
N SER C 102 14.80 -7.32 8.25
CA SER C 102 13.84 -6.34 7.78
C SER C 102 14.31 -5.55 6.55
N MET C 103 15.59 -5.26 6.45
CA MET C 103 16.06 -4.51 5.30
C MET C 103 16.39 -5.38 4.10
N THR C 104 15.97 -6.65 4.18
CA THR C 104 16.18 -7.67 3.15
C THR C 104 15.52 -7.27 1.83
N HIS D 6 39.10 14.91 -10.46
CA HIS D 6 39.74 13.62 -10.45
C HIS D 6 41.26 13.68 -10.37
N ARG D 7 41.79 12.53 -9.95
CA ARG D 7 43.20 12.28 -9.70
C ARG D 7 44.10 13.47 -9.47
N LEU D 8 43.80 14.21 -8.40
CA LEU D 8 44.61 15.35 -8.09
C LEU D 8 45.97 15.15 -8.71
N SER D 9 46.39 16.14 -9.48
CA SER D 9 47.66 16.09 -10.18
C SER D 9 48.84 16.21 -9.25
N ALA D 10 49.57 17.27 -9.43
CA ALA D 10 50.70 17.59 -8.60
C ALA D 10 50.20 18.75 -7.77
N GLU D 11 50.77 19.91 -8.04
CA GLU D 11 50.48 21.18 -7.38
C GLU D 11 49.34 21.17 -6.39
N GLU D 12 48.16 20.83 -6.89
CA GLU D 12 47.00 20.77 -6.04
C GLU D 12 47.32 19.87 -4.89
N ARG D 13 47.63 18.63 -5.24
CA ARG D 13 48.09 17.75 -4.18
C ARG D 13 48.91 18.60 -3.20
N ASP D 14 50.04 19.11 -3.73
CA ASP D 14 50.98 19.94 -3.01
C ASP D 14 50.46 21.38 -2.90
N GLN D 15 49.21 21.46 -2.50
CA GLN D 15 48.50 22.72 -2.30
C GLN D 15 47.37 22.46 -1.31
N LEU D 16 46.73 21.34 -1.57
CA LEU D 16 45.60 20.88 -0.86
C LEU D 16 45.91 19.95 0.30
N LEU D 17 46.66 18.90 0.06
CA LEU D 17 46.99 17.97 1.16
C LEU D 17 47.67 18.57 2.39
N PRO D 18 48.69 19.40 2.14
CA PRO D 18 49.47 19.92 3.24
C PRO D 18 48.60 20.46 4.35
N ASN D 19 47.46 21.01 3.97
CA ASN D 19 46.61 21.51 5.02
C ASN D 19 46.04 20.37 5.83
N LEU D 20 45.72 19.29 5.14
CA LEU D 20 45.16 18.14 5.80
C LEU D 20 46.18 17.45 6.66
N ARG D 21 47.41 17.30 6.11
CA ARG D 21 48.44 16.70 6.94
C ARG D 21 48.62 17.53 8.21
N ALA D 22 48.64 18.84 8.04
CA ALA D 22 48.82 19.65 9.24
C ALA D 22 47.88 19.25 10.35
N VAL D 23 46.68 18.85 9.95
CA VAL D 23 45.63 18.49 10.87
C VAL D 23 45.60 17.04 11.27
N GLY D 24 46.57 16.26 10.82
CA GLY D 24 46.69 14.85 11.25
C GLY D 24 46.31 13.83 10.21
N TRP D 25 46.01 14.34 9.04
CA TRP D 25 45.60 13.44 8.00
C TRP D 25 46.82 12.82 7.39
N ASN D 26 46.85 11.52 7.34
CA ASN D 26 47.99 10.93 6.71
C ASN D 26 47.72 10.25 5.38
N GLU D 27 48.79 9.96 4.71
CA GLU D 27 48.66 9.29 3.47
C GLU D 27 48.80 7.82 3.72
N LEU D 28 47.89 7.14 3.07
CA LEU D 28 47.84 5.72 3.16
C LEU D 28 49.02 5.10 2.40
N GLU D 29 49.59 4.13 3.04
CA GLU D 29 50.69 3.49 2.41
C GLU D 29 50.19 2.35 1.54
N GLY D 30 50.48 2.47 0.24
CA GLY D 30 50.09 1.42 -0.66
C GLY D 30 48.74 1.59 -1.32
N ARG D 31 48.26 2.83 -1.34
CA ARG D 31 47.01 3.19 -2.00
C ARG D 31 46.95 4.69 -2.12
N ASP D 32 46.20 5.18 -3.12
CA ASP D 32 46.04 6.60 -3.29
C ASP D 32 44.84 6.96 -2.45
N ALA D 33 45.14 7.22 -1.18
CA ALA D 33 44.15 7.54 -0.16
C ALA D 33 44.76 8.33 0.97
N ILE D 34 43.88 8.82 1.83
CA ILE D 34 44.30 9.50 3.04
C ILE D 34 43.47 8.96 4.14
N PHE D 35 43.98 9.08 5.31
CA PHE D 35 43.19 8.56 6.35
C PHE D 35 43.52 9.23 7.64
N LYS D 36 42.62 9.05 8.58
CA LYS D 36 42.90 9.64 9.85
C LYS D 36 42.05 8.98 10.91
N GLN D 37 42.58 8.90 12.10
CA GLN D 37 41.75 8.29 13.08
C GLN D 37 41.35 9.32 14.14
N PHE D 38 40.11 9.23 14.59
CA PHE D 38 39.51 10.08 15.58
C PHE D 38 39.14 9.28 16.83
N HIS D 39 39.42 9.91 17.94
CA HIS D 39 39.21 9.40 19.26
C HIS D 39 38.33 10.38 19.97
N PHE D 40 37.24 9.86 20.48
CA PHE D 40 36.23 10.61 21.19
C PHE D 40 36.15 10.04 22.61
N LYS D 41 35.41 10.72 23.49
CA LYS D 41 35.22 10.31 24.88
C LYS D 41 34.37 9.06 25.01
N ASP D 42 33.32 8.93 24.19
CA ASP D 42 32.50 7.72 24.23
C ASP D 42 31.90 7.38 22.89
N PHE D 43 31.01 6.40 22.90
CA PHE D 43 30.39 6.00 21.65
C PHE D 43 29.35 7.04 21.25
N ASN D 44 28.69 7.60 22.26
CA ASN D 44 27.67 8.62 21.99
C ASN D 44 28.25 9.72 21.09
N ARG D 45 29.46 10.12 21.36
CA ARG D 45 30.07 11.12 20.54
C ARG D 45 30.52 10.54 19.20
N ALA D 46 31.07 9.31 19.29
CA ALA D 46 31.62 8.61 18.12
C ALA D 46 30.59 8.39 17.03
N PHE D 47 29.39 7.90 17.41
CA PHE D 47 28.26 7.67 16.51
C PHE D 47 27.57 8.95 15.98
N GLY D 48 27.41 9.94 16.89
CA GLY D 48 26.82 11.20 16.57
C GLY D 48 27.69 11.80 15.51
N PHE D 49 28.97 11.65 15.67
CA PHE D 49 29.91 12.17 14.69
C PHE D 49 29.73 11.51 13.33
N MET D 50 29.50 10.18 13.34
CA MET D 50 29.28 9.33 12.18
C MET D 50 28.01 9.69 11.43
N THR D 51 26.95 9.90 12.23
CA THR D 51 25.69 10.30 11.66
C THR D 51 25.81 11.56 10.81
N ARG D 52 26.40 12.63 11.37
CA ARG D 52 26.51 13.90 10.68
C ARG D 52 27.33 13.80 9.43
N VAL D 53 28.28 12.91 9.49
CA VAL D 53 29.11 12.64 8.34
C VAL D 53 28.36 11.79 7.32
N ALA D 54 27.50 10.94 7.87
CA ALA D 54 26.61 10.11 7.09
C ALA D 54 25.64 11.02 6.30
N LEU D 55 25.01 12.04 6.94
CA LEU D 55 24.08 12.88 6.20
C LEU D 55 24.83 13.57 5.07
N GLN D 56 26.02 14.00 5.39
CA GLN D 56 26.79 14.63 4.36
C GLN D 56 27.20 13.70 3.24
N ALA D 57 27.61 12.49 3.59
CA ALA D 57 28.06 11.60 2.54
C ALA D 57 26.99 11.40 1.48
N GLU D 58 25.79 11.06 1.94
CA GLU D 58 24.62 10.82 1.13
C GLU D 58 24.29 12.02 0.30
N LYS D 59 24.57 13.15 0.88
CA LYS D 59 24.30 14.40 0.20
C LYS D 59 25.27 14.67 -0.97
N LEU D 60 26.53 14.28 -0.83
CA LEU D 60 27.52 14.46 -1.87
C LEU D 60 27.67 13.24 -2.76
N ASP D 61 27.18 12.12 -2.23
CA ASP D 61 27.33 10.88 -2.91
C ASP D 61 28.80 10.44 -2.90
N HIS D 62 29.46 10.68 -1.75
CA HIS D 62 30.84 10.28 -1.49
C HIS D 62 30.83 9.71 -0.09
N HIS D 63 31.23 8.44 -0.01
CA HIS D 63 31.21 7.69 1.24
C HIS D 63 32.59 7.28 1.74
N PRO D 64 32.84 7.41 3.03
CA PRO D 64 34.15 6.99 3.50
C PRO D 64 34.12 5.51 3.79
N GLU D 65 35.32 5.05 4.04
CA GLU D 65 35.57 3.72 4.45
C GLU D 65 35.88 3.93 5.90
N TRP D 66 34.99 3.60 6.78
CA TRP D 66 35.36 3.83 8.15
C TRP D 66 35.22 2.57 8.99
N PHE D 67 36.02 2.51 10.04
CA PHE D 67 36.04 1.44 11.00
C PHE D 67 35.75 2.01 12.40
N ASN D 68 34.89 1.40 13.21
CA ASN D 68 34.59 1.93 14.52
C ASN D 68 34.59 0.91 15.62
N VAL D 69 35.07 1.37 16.73
CA VAL D 69 35.08 0.57 17.93
C VAL D 69 34.86 1.50 19.09
N TYR D 70 33.75 1.28 19.75
CA TYR D 70 33.44 2.16 20.83
C TYR D 70 33.64 3.63 20.46
N ASN D 71 34.61 4.23 21.15
CA ASN D 71 34.87 5.66 20.99
C ASN D 71 35.89 6.07 19.95
N LYS D 72 36.36 5.14 19.12
CA LYS D 72 37.38 5.41 18.09
C LYS D 72 36.76 5.27 16.71
N VAL D 73 37.14 6.16 15.80
CA VAL D 73 36.63 6.09 14.43
C VAL D 73 37.77 6.32 13.49
N HIS D 74 38.02 5.37 12.59
CA HIS D 74 39.12 5.44 11.66
C HIS D 74 38.59 5.60 10.25
N ILE D 75 39.07 6.65 9.61
CA ILE D 75 38.59 7.01 8.31
C ILE D 75 39.59 7.09 7.17
N THR D 76 39.20 6.40 6.09
CA THR D 76 39.87 6.37 4.80
C THR D 76 39.08 7.03 3.72
N LEU D 77 39.75 7.89 3.00
CA LEU D 77 39.10 8.61 1.94
C LEU D 77 39.86 8.44 0.65
N SER D 78 39.12 8.03 -0.38
CA SER D 78 39.59 7.82 -1.75
C SER D 78 38.40 7.77 -2.68
N THR D 79 38.59 8.17 -3.93
CA THR D 79 37.48 8.12 -4.85
C THR D 79 37.52 6.85 -5.68
N HIS D 80 36.46 6.05 -5.64
CA HIS D 80 36.44 4.79 -6.34
C HIS D 80 36.45 4.94 -7.84
N GLU D 81 35.78 5.97 -8.33
CA GLU D 81 35.74 6.17 -9.77
C GLU D 81 37.13 6.16 -10.37
N CYS D 82 37.94 7.08 -9.83
CA CYS D 82 39.31 7.28 -10.24
C CYS D 82 40.30 6.40 -9.48
N ALA D 83 39.78 5.50 -8.66
CA ALA D 83 40.74 4.70 -7.96
C ALA D 83 41.85 5.59 -7.35
N GLY D 84 41.43 6.58 -6.52
CA GLY D 84 42.32 7.52 -5.86
C GLY D 84 41.73 8.86 -5.42
N LEU D 85 42.62 9.67 -4.87
CA LEU D 85 42.26 10.97 -4.38
C LEU D 85 41.79 11.92 -5.43
N SER D 86 40.60 12.45 -5.21
CA SER D 86 39.96 13.45 -6.04
C SER D 86 39.58 14.54 -5.07
N GLU D 87 39.12 15.65 -5.60
CA GLU D 87 38.71 16.74 -4.72
C GLU D 87 37.56 16.34 -3.80
N ARG D 88 36.82 15.34 -4.23
CA ARG D 88 35.70 14.80 -3.48
C ARG D 88 36.15 14.47 -2.07
N ASP D 89 37.20 13.67 -2.06
CA ASP D 89 37.88 13.28 -0.86
C ASP D 89 38.22 14.51 -0.05
N ILE D 90 38.79 15.46 -0.76
CA ILE D 90 39.18 16.71 -0.15
C ILE D 90 38.07 17.34 0.66
N ASN D 91 37.05 17.82 -0.04
CA ASN D 91 35.95 18.42 0.65
C ASN D 91 35.44 17.57 1.80
N LEU D 92 35.23 16.27 1.52
CA LEU D 92 34.72 15.45 2.59
C LEU D 92 35.56 15.53 3.88
N ALA D 93 36.87 15.47 3.67
CA ALA D 93 37.78 15.55 4.78
C ALA D 93 37.57 16.82 5.58
N SER D 94 37.54 17.94 4.87
CA SER D 94 37.35 19.22 5.55
C SER D 94 36.06 19.27 6.32
N PHE D 95 35.05 18.67 5.74
CA PHE D 95 33.82 18.71 6.45
C PHE D 95 33.98 17.85 7.67
N ILE D 96 34.60 16.72 7.42
CA ILE D 96 34.79 15.83 8.53
C ILE D 96 35.53 16.53 9.66
N GLU D 97 36.54 17.32 9.30
CA GLU D 97 37.34 18.04 10.29
C GLU D 97 36.48 18.96 11.14
N GLN D 98 35.64 19.74 10.45
CA GLN D 98 34.71 20.65 11.08
C GLN D 98 33.78 19.90 12.02
N VAL D 99 33.30 18.75 11.55
CA VAL D 99 32.46 17.99 12.43
C VAL D 99 33.30 17.56 13.63
N ALA D 100 34.51 17.08 13.35
CA ALA D 100 35.41 16.64 14.40
C ALA D 100 35.37 17.58 15.57
N VAL D 101 35.69 18.83 15.27
CA VAL D 101 35.72 19.90 16.24
C VAL D 101 34.51 20.09 17.14
N SER D 102 33.30 20.05 16.60
CA SER D 102 32.14 20.17 17.46
C SER D 102 32.16 19.21 18.64
N MET D 103 32.61 17.94 18.47
CA MET D 103 32.63 16.89 19.54
C MET D 103 33.88 16.67 20.35
N THR D 104 35.02 17.04 19.76
CA THR D 104 36.33 16.93 20.37
C THR D 104 36.57 18.18 21.25
N HIS E 6 3.26 -24.01 -6.89
CA HIS E 6 4.50 -23.96 -6.14
C HIS E 6 4.44 -22.96 -4.99
N ARG E 7 4.69 -23.41 -3.77
CA ARG E 7 4.70 -22.49 -2.65
C ARG E 7 5.81 -21.49 -2.88
N LEU E 8 5.73 -20.39 -2.16
CA LEU E 8 6.65 -19.29 -2.35
C LEU E 8 8.02 -19.47 -1.74
N SER E 9 9.04 -19.25 -2.58
CA SER E 9 10.41 -19.29 -2.11
C SER E 9 10.57 -18.19 -1.09
N ALA E 10 11.29 -18.49 -0.03
CA ALA E 10 11.50 -17.48 0.99
C ALA E 10 12.17 -16.19 0.46
N GLU E 11 12.94 -16.29 -0.62
CA GLU E 11 13.55 -15.11 -1.18
C GLU E 11 12.48 -14.46 -2.04
N GLU E 12 11.86 -15.35 -2.81
CA GLU E 12 10.77 -14.97 -3.67
C GLU E 12 9.92 -13.97 -2.92
N ARG E 13 9.67 -14.30 -1.65
CA ARG E 13 8.89 -13.42 -0.81
C ARG E 13 9.51 -12.05 -0.79
N ASP E 14 10.67 -12.01 -0.13
CA ASP E 14 11.54 -10.84 0.04
C ASP E 14 11.62 -9.94 -1.20
N GLN E 15 11.43 -10.57 -2.35
CA GLN E 15 11.55 -9.83 -3.58
C GLN E 15 10.23 -9.23 -4.06
N LEU E 16 9.21 -10.11 -4.12
CA LEU E 16 7.85 -9.87 -4.60
C LEU E 16 6.97 -9.00 -3.72
N LEU E 17 6.85 -9.40 -2.49
CA LEU E 17 6.01 -8.67 -1.55
C LEU E 17 6.29 -7.21 -1.27
N PRO E 18 7.54 -6.83 -1.04
CA PRO E 18 7.80 -5.45 -0.70
C PRO E 18 6.87 -4.44 -1.40
N ASN E 19 6.77 -4.55 -2.71
CA ASN E 19 5.94 -3.67 -3.52
C ASN E 19 4.43 -3.60 -3.18
N LEU E 20 3.79 -4.74 -2.82
CA LEU E 20 2.37 -4.78 -2.51
C LEU E 20 2.04 -4.24 -1.15
N ARG E 21 3.04 -4.52 -0.38
CA ARG E 21 3.18 -4.23 1.01
C ARG E 21 3.27 -2.71 1.18
N ALA E 22 4.06 -2.13 0.27
CA ALA E 22 4.24 -0.70 0.21
C ALA E 22 2.92 0.00 -0.07
N VAL E 23 1.98 -0.74 -0.71
CA VAL E 23 0.69 -0.22 -1.09
C VAL E 23 -0.45 -0.69 -0.24
N GLY E 24 -0.17 -1.26 0.92
CA GLY E 24 -1.30 -1.63 1.74
C GLY E 24 -1.51 -3.11 1.91
N TRP E 25 -0.81 -3.92 1.16
CA TRP E 25 -1.05 -5.32 1.44
C TRP E 25 -0.42 -5.72 2.75
N ASN E 26 -0.95 -6.77 3.35
CA ASN E 26 -0.48 -7.27 4.64
C ASN E 26 -0.62 -8.76 4.74
N GLU E 27 0.25 -9.34 5.56
CA GLU E 27 0.30 -10.77 5.82
C GLU E 27 -0.55 -11.10 7.04
N LEU E 28 -1.29 -12.20 6.99
CA LEU E 28 -2.12 -12.61 8.12
C LEU E 28 -1.29 -13.29 9.22
N GLU E 29 -1.70 -13.16 10.50
CA GLU E 29 -0.95 -13.88 11.52
C GLU E 29 -1.41 -15.32 11.50
N GLY E 30 -2.73 -15.44 11.34
CA GLY E 30 -3.42 -16.70 11.23
C GLY E 30 -2.76 -17.67 10.25
N ARG E 31 -2.59 -17.23 8.99
CA ARG E 31 -2.04 -18.11 7.97
C ARG E 31 -1.14 -17.45 6.91
N ASP E 32 -0.79 -18.23 5.87
CA ASP E 32 0.05 -17.76 4.78
C ASP E 32 -0.83 -17.18 3.70
N ALA E 33 -1.00 -15.85 3.81
CA ALA E 33 -1.84 -15.07 2.94
C ALA E 33 -1.69 -13.57 3.08
N ILE E 34 -2.18 -12.88 2.08
CA ILE E 34 -2.19 -11.44 2.17
C ILE E 34 -3.62 -10.89 2.00
N PHE E 35 -3.81 -9.76 2.65
CA PHE E 35 -5.07 -9.10 2.59
C PHE E 35 -4.78 -7.62 2.47
N LYS E 36 -5.82 -6.89 2.12
CA LYS E 36 -5.84 -5.47 1.86
C LYS E 36 -7.32 -5.10 1.83
N GLN E 37 -7.60 -3.92 2.33
CA GLN E 37 -8.96 -3.44 2.37
C GLN E 37 -9.18 -2.25 1.47
N PHE E 38 -10.09 -2.35 0.50
CA PHE E 38 -10.31 -1.25 -0.42
C PHE E 38 -11.53 -0.42 -0.02
N HIS E 39 -11.47 0.87 -0.29
CA HIS E 39 -12.57 1.78 0.01
C HIS E 39 -12.93 2.52 -1.26
N PHE E 40 -14.19 2.52 -1.59
CA PHE E 40 -14.64 3.19 -2.78
C PHE E 40 -15.68 4.21 -2.45
N LYS E 41 -16.01 5.01 -3.42
CA LYS E 41 -16.98 6.00 -3.11
C LYS E 41 -18.36 5.43 -2.81
N ASP E 42 -18.82 4.49 -3.63
CA ASP E 42 -20.15 3.91 -3.49
C ASP E 42 -20.16 2.45 -3.85
N PHE E 43 -21.32 1.80 -3.71
CA PHE E 43 -21.41 0.40 -4.07
C PHE E 43 -21.26 0.19 -5.57
N ASN E 44 -21.72 1.15 -6.35
CA ASN E 44 -21.65 1.04 -7.78
C ASN E 44 -20.23 0.80 -8.23
N ARG E 45 -19.34 1.51 -7.58
CA ARG E 45 -17.93 1.45 -7.87
C ARG E 45 -17.24 0.22 -7.29
N ALA E 46 -17.68 -0.16 -6.09
CA ALA E 46 -17.15 -1.33 -5.45
C ALA E 46 -17.50 -2.56 -6.27
N PHE E 47 -18.79 -2.69 -6.64
CA PHE E 47 -19.26 -3.81 -7.44
C PHE E 47 -18.65 -3.87 -8.82
N GLY E 48 -18.46 -2.72 -9.44
CA GLY E 48 -17.85 -2.75 -10.75
C GLY E 48 -16.43 -3.22 -10.63
N PHE E 49 -15.86 -2.89 -9.48
CA PHE E 49 -14.51 -3.30 -9.18
C PHE E 49 -14.46 -4.80 -9.12
N MET E 50 -15.29 -5.37 -8.25
CA MET E 50 -15.35 -6.79 -8.04
C MET E 50 -15.60 -7.54 -9.35
N THR E 51 -16.41 -6.97 -10.22
CA THR E 51 -16.64 -7.63 -11.48
C THR E 51 -15.43 -7.76 -12.37
N ARG E 52 -14.69 -6.68 -12.50
CA ARG E 52 -13.51 -6.74 -13.35
C ARG E 52 -12.55 -7.79 -12.85
N VAL E 53 -12.54 -7.91 -11.56
CA VAL E 53 -11.67 -8.89 -10.93
C VAL E 53 -12.20 -10.29 -11.09
N ALA E 54 -13.54 -10.42 -10.90
CA ALA E 54 -14.24 -11.68 -11.06
C ALA E 54 -13.92 -12.24 -12.42
N LEU E 55 -13.91 -11.36 -13.41
CA LEU E 55 -13.55 -11.79 -14.74
C LEU E 55 -12.14 -12.32 -14.83
N GLN E 56 -11.20 -11.62 -14.26
CA GLN E 56 -9.82 -12.08 -14.32
C GLN E 56 -9.72 -13.37 -13.57
N ALA E 57 -10.28 -13.37 -12.37
CA ALA E 57 -10.31 -14.54 -11.49
C ALA E 57 -10.61 -15.76 -12.32
N GLU E 58 -11.66 -15.66 -13.15
CA GLU E 58 -12.04 -16.77 -14.02
C GLU E 58 -11.01 -17.14 -15.06
N LYS E 59 -10.52 -16.12 -15.79
CA LYS E 59 -9.45 -16.25 -16.78
C LYS E 59 -8.29 -17.02 -16.17
N LEU E 60 -7.91 -16.71 -14.92
CA LEU E 60 -6.77 -17.36 -14.32
C LEU E 60 -7.14 -18.55 -13.50
N ASP E 61 -8.42 -18.70 -13.19
CA ASP E 61 -8.81 -19.78 -12.34
C ASP E 61 -8.05 -19.73 -11.01
N HIS E 62 -8.00 -18.52 -10.46
CA HIS E 62 -7.46 -18.21 -9.18
C HIS E 62 -8.44 -17.26 -8.57
N HIS E 63 -9.05 -17.60 -7.44
CA HIS E 63 -10.05 -16.76 -6.85
C HIS E 63 -9.77 -16.19 -5.48
N PRO E 64 -10.35 -15.02 -5.25
CA PRO E 64 -10.19 -14.30 -4.02
C PRO E 64 -11.18 -14.67 -2.93
N GLU E 65 -10.76 -14.42 -1.71
CA GLU E 65 -11.64 -14.57 -0.60
C GLU E 65 -12.05 -13.13 -0.31
N TRP E 66 -13.23 -12.70 -0.63
CA TRP E 66 -13.43 -11.30 -0.34
C TRP E 66 -14.68 -11.02 0.46
N PHE E 67 -14.73 -9.81 1.02
CA PHE E 67 -15.79 -9.33 1.86
C PHE E 67 -16.18 -7.89 1.49
N ASN E 68 -17.44 -7.74 1.07
CA ASN E 68 -17.99 -6.46 0.66
C ASN E 68 -19.12 -6.04 1.54
N VAL E 69 -19.08 -4.76 1.92
CA VAL E 69 -20.13 -4.15 2.66
C VAL E 69 -20.38 -2.80 2.04
N TYR E 70 -21.29 -2.73 1.10
CA TYR E 70 -21.50 -1.44 0.52
C TYR E 70 -20.29 -0.89 -0.25
N ASN E 71 -19.60 0.08 0.30
CA ASN E 71 -18.50 0.66 -0.49
C ASN E 71 -17.09 0.20 -0.23
N LYS E 72 -16.94 -0.87 0.59
CA LYS E 72 -15.63 -1.40 0.96
C LYS E 72 -15.52 -2.86 0.58
N VAL E 73 -14.35 -3.28 0.09
CA VAL E 73 -14.05 -4.67 -0.25
C VAL E 73 -12.79 -5.15 0.48
N HIS E 74 -12.89 -6.22 1.23
CA HIS E 74 -11.78 -6.72 1.95
C HIS E 74 -11.33 -7.99 1.23
N ILE E 75 -10.07 -8.04 0.85
CA ILE E 75 -9.58 -9.16 0.07
C ILE E 75 -8.39 -9.84 0.66
N THR E 76 -8.48 -11.14 0.69
CA THR E 76 -7.43 -12.00 1.20
C THR E 76 -6.99 -12.84 0.03
N LEU E 77 -5.71 -13.03 -0.06
CA LEU E 77 -5.26 -13.84 -1.14
C LEU E 77 -4.40 -14.98 -0.57
N SER E 78 -4.57 -16.17 -1.14
CA SER E 78 -3.83 -17.40 -0.80
C SER E 78 -4.09 -18.51 -1.80
N THR E 79 -3.07 -19.24 -2.25
CA THR E 79 -3.32 -20.33 -3.15
C THR E 79 -3.87 -21.51 -2.33
N HIS E 80 -5.00 -22.10 -2.72
CA HIS E 80 -5.61 -23.17 -1.94
C HIS E 80 -4.83 -24.47 -2.02
N GLU E 81 -4.18 -24.68 -3.16
CA GLU E 81 -3.41 -25.90 -3.38
C GLU E 81 -2.34 -26.09 -2.33
N CYS E 82 -1.32 -25.24 -2.42
CA CYS E 82 -0.18 -25.28 -1.51
C CYS E 82 -0.43 -24.61 -0.17
N ALA E 83 -1.70 -24.40 0.15
CA ALA E 83 -2.11 -23.75 1.40
C ALA E 83 -1.24 -22.56 1.83
N GLY E 84 -1.01 -21.61 0.91
CA GLY E 84 -0.22 -20.44 1.22
C GLY E 84 0.11 -19.67 -0.03
N LEU E 85 0.82 -18.55 0.14
CA LEU E 85 1.21 -17.70 -0.97
C LEU E 85 1.87 -18.40 -2.16
N SER E 86 1.48 -17.97 -3.35
CA SER E 86 2.04 -18.50 -4.58
C SER E 86 2.14 -17.39 -5.63
N GLU E 87 2.75 -17.71 -6.76
CA GLU E 87 2.88 -16.71 -7.77
C GLU E 87 1.54 -16.16 -8.21
N ARG E 88 0.52 -17.01 -8.09
CA ARG E 88 -0.85 -16.64 -8.45
C ARG E 88 -1.40 -15.48 -7.63
N ASP E 89 -1.11 -15.60 -6.34
CA ASP E 89 -1.54 -14.62 -5.38
C ASP E 89 -0.96 -13.30 -5.78
N ILE E 90 0.33 -13.32 -6.00
CA ILE E 90 1.02 -12.10 -6.36
C ILE E 90 0.43 -11.49 -7.60
N ASN E 91 0.41 -12.34 -8.59
CA ASN E 91 -0.10 -12.00 -9.87
C ASN E 91 -1.43 -11.28 -9.82
N LEU E 92 -2.38 -11.99 -9.28
CA LEU E 92 -3.69 -11.45 -9.16
C LEU E 92 -3.69 -10.11 -8.38
N ALA E 93 -2.92 -10.08 -7.31
CA ALA E 93 -2.88 -8.88 -6.51
C ALA E 93 -2.43 -7.69 -7.32
N SER E 94 -1.51 -7.91 -8.24
CA SER E 94 -1.09 -6.80 -9.07
C SER E 94 -2.29 -6.27 -9.83
N PHE E 95 -3.00 -7.19 -10.48
CA PHE E 95 -4.20 -6.88 -11.25
C PHE E 95 -5.17 -6.03 -10.47
N ILE E 96 -5.48 -6.56 -9.28
CA ILE E 96 -6.41 -5.93 -8.39
C ILE E 96 -5.97 -4.54 -8.17
N GLU E 97 -4.66 -4.47 -8.06
CA GLU E 97 -4.07 -3.19 -7.86
C GLU E 97 -4.43 -2.28 -9.00
N GLN E 98 -3.95 -2.61 -10.19
CA GLN E 98 -4.26 -1.79 -11.33
C GLN E 98 -5.70 -1.48 -11.48
N VAL E 99 -6.52 -2.48 -11.27
CA VAL E 99 -7.92 -2.22 -11.46
C VAL E 99 -8.38 -1.22 -10.45
N ALA E 100 -8.01 -1.51 -9.22
CA ALA E 100 -8.45 -0.68 -8.13
C ALA E 100 -8.19 0.79 -8.39
N VAL E 101 -7.09 1.07 -9.02
CA VAL E 101 -6.73 2.45 -9.28
C VAL E 101 -7.67 3.14 -10.26
N SER E 102 -7.80 2.61 -11.46
CA SER E 102 -8.68 3.24 -12.42
C SER E 102 -10.10 3.05 -11.96
N MET E 103 -10.45 3.75 -10.89
CA MET E 103 -11.80 3.60 -10.33
C MET E 103 -12.10 4.63 -9.26
N THR E 104 -11.19 4.78 -8.29
CA THR E 104 -11.41 5.74 -7.22
C THR E 104 -12.75 5.31 -6.59
N HIS F 6 -39.24 1.51 9.24
CA HIS F 6 -38.17 0.56 9.54
C HIS F 6 -38.15 0.13 10.99
N ARG F 7 -37.44 -0.97 11.16
CA ARG F 7 -37.20 -1.64 12.42
C ARG F 7 -38.30 -2.47 13.02
N LEU F 8 -38.31 -3.72 12.58
CA LEU F 8 -39.28 -4.72 12.93
C LEU F 8 -39.58 -4.82 14.40
N SER F 9 -40.90 -4.80 14.66
CA SER F 9 -41.58 -4.93 15.94
C SER F 9 -41.81 -6.41 16.21
N ALA F 10 -41.67 -6.82 17.46
CA ALA F 10 -41.80 -8.23 17.78
C ALA F 10 -42.92 -8.90 17.03
N GLU F 11 -43.98 -8.13 16.83
CA GLU F 11 -45.14 -8.65 16.18
C GLU F 11 -44.99 -8.76 14.70
N GLU F 12 -43.93 -8.15 14.18
CA GLU F 12 -43.68 -8.27 12.77
C GLU F 12 -42.69 -9.40 12.57
N ARG F 13 -41.71 -9.44 13.45
CA ARG F 13 -40.74 -10.49 13.32
C ARG F 13 -41.45 -11.82 13.24
N ASP F 14 -42.29 -12.01 14.27
CA ASP F 14 -43.13 -13.17 14.55
C ASP F 14 -43.92 -13.72 13.37
N GLN F 15 -44.25 -12.91 12.38
CA GLN F 15 -45.00 -13.42 11.25
C GLN F 15 -44.30 -13.21 9.93
N LEU F 16 -43.09 -12.66 10.01
CA LEU F 16 -42.27 -12.36 8.87
C LEU F 16 -41.08 -13.29 8.72
N LEU F 17 -40.47 -13.57 9.86
CA LEU F 17 -39.33 -14.43 9.94
C LEU F 17 -39.58 -15.93 9.88
N PRO F 18 -40.73 -16.39 10.35
CA PRO F 18 -40.99 -17.83 10.35
C PRO F 18 -40.75 -18.54 9.03
N ASN F 19 -41.07 -17.81 7.96
CA ASN F 19 -40.89 -18.36 6.65
C ASN F 19 -39.46 -18.47 6.26
N LEU F 20 -38.73 -17.35 6.32
CA LEU F 20 -37.29 -17.23 6.05
C LEU F 20 -36.54 -18.24 6.90
N ARG F 21 -36.89 -18.34 8.17
CA ARG F 21 -36.25 -19.29 9.10
C ARG F 21 -36.26 -20.73 8.60
N ALA F 22 -37.40 -21.11 8.01
CA ALA F 22 -37.71 -22.46 7.51
C ALA F 22 -36.85 -22.96 6.38
N VAL F 23 -36.38 -21.99 5.60
CA VAL F 23 -35.53 -22.20 4.45
C VAL F 23 -34.04 -21.96 4.71
N GLY F 24 -33.67 -21.70 5.98
CA GLY F 24 -32.28 -21.58 6.37
C GLY F 24 -31.83 -20.25 6.96
N TRP F 25 -32.62 -19.20 6.90
CA TRP F 25 -32.11 -17.96 7.44
C TRP F 25 -32.07 -17.94 8.93
N ASN F 26 -30.93 -17.55 9.46
CA ASN F 26 -30.78 -17.51 10.89
C ASN F 26 -30.57 -16.13 11.46
N GLU F 27 -30.99 -16.01 12.72
CA GLU F 27 -30.90 -14.78 13.46
C GLU F 27 -29.62 -14.72 14.31
N LEU F 28 -28.85 -13.66 14.11
CA LEU F 28 -27.65 -13.46 14.86
C LEU F 28 -28.05 -13.27 16.28
N GLU F 29 -27.29 -13.90 17.15
CA GLU F 29 -27.58 -13.75 18.54
C GLU F 29 -26.58 -12.76 19.08
N GLY F 30 -26.94 -11.50 19.19
CA GLY F 30 -25.99 -10.55 19.71
C GLY F 30 -25.85 -9.40 18.73
N ARG F 31 -26.60 -9.57 17.66
CA ARG F 31 -26.68 -8.57 16.65
C ARG F 31 -28.05 -8.76 16.05
N ASP F 32 -28.76 -7.66 15.78
CA ASP F 32 -30.08 -7.68 15.15
C ASP F 32 -29.95 -7.80 13.61
N ALA F 33 -29.79 -9.03 13.14
CA ALA F 33 -29.57 -9.38 11.75
C ALA F 33 -29.79 -10.87 11.47
N ILE F 34 -29.98 -11.17 10.19
CA ILE F 34 -30.18 -12.51 9.75
C ILE F 34 -29.04 -12.92 8.82
N PHE F 35 -28.80 -14.21 8.84
CA PHE F 35 -27.71 -14.81 8.10
C PHE F 35 -28.14 -16.09 7.41
N LYS F 36 -27.52 -16.31 6.28
CA LYS F 36 -27.70 -17.50 5.54
C LYS F 36 -26.50 -17.72 4.67
N GLN F 37 -26.08 -18.95 4.60
CA GLN F 37 -24.96 -19.27 3.77
C GLN F 37 -25.41 -20.04 2.54
N PHE F 38 -24.91 -19.65 1.36
CA PHE F 38 -25.27 -20.32 0.12
C PHE F 38 -24.11 -21.02 -0.50
N HIS F 39 -24.46 -22.05 -1.22
CA HIS F 39 -23.46 -22.89 -1.81
C HIS F 39 -23.87 -23.17 -3.23
N PHE F 40 -22.93 -23.06 -4.16
CA PHE F 40 -23.24 -23.27 -5.57
C PHE F 40 -22.19 -24.17 -6.15
N LYS F 41 -22.41 -24.65 -7.35
CA LYS F 41 -21.46 -25.55 -7.95
C LYS F 41 -20.15 -24.86 -8.31
N ASP F 42 -20.24 -23.59 -8.73
CA ASP F 42 -19.01 -22.89 -9.07
C ASP F 42 -19.11 -21.41 -8.84
N PHE F 43 -18.05 -20.75 -9.23
CA PHE F 43 -17.90 -19.32 -9.15
C PHE F 43 -18.73 -18.64 -10.22
N ASN F 44 -18.79 -19.26 -11.39
CA ASN F 44 -19.59 -18.69 -12.44
C ASN F 44 -20.98 -18.54 -11.91
N ARG F 45 -21.44 -19.57 -11.22
CA ARG F 45 -22.75 -19.51 -10.62
C ARG F 45 -22.87 -18.56 -9.46
N ALA F 46 -21.88 -18.58 -8.60
CA ALA F 46 -21.82 -17.75 -7.43
C ALA F 46 -21.88 -16.30 -7.78
N PHE F 47 -20.98 -15.93 -8.66
CA PHE F 47 -20.84 -14.58 -9.10
C PHE F 47 -22.09 -14.09 -9.78
N GLY F 48 -22.63 -14.93 -10.66
CA GLY F 48 -23.84 -14.61 -11.38
C GLY F 48 -24.96 -14.26 -10.39
N PHE F 49 -25.04 -15.02 -9.30
CA PHE F 49 -25.99 -14.79 -8.27
C PHE F 49 -25.72 -13.47 -7.62
N MET F 50 -24.50 -13.28 -7.20
CA MET F 50 -24.12 -12.05 -6.58
C MET F 50 -24.61 -10.88 -7.42
N THR F 51 -24.33 -10.92 -8.73
CA THR F 51 -24.78 -9.86 -9.61
C THR F 51 -26.28 -9.67 -9.62
N ARG F 52 -27.00 -10.72 -9.92
CA ARG F 52 -28.42 -10.57 -9.90
C ARG F 52 -28.81 -9.85 -8.63
N VAL F 53 -28.25 -10.30 -7.52
CA VAL F 53 -28.55 -9.62 -6.27
C VAL F 53 -28.08 -8.16 -6.28
N ALA F 54 -26.89 -7.92 -6.85
CA ALA F 54 -26.35 -6.57 -6.83
C ALA F 54 -27.30 -5.58 -7.50
N LEU F 55 -27.83 -6.00 -8.65
CA LEU F 55 -28.76 -5.18 -9.38
C LEU F 55 -29.89 -4.75 -8.50
N GLN F 56 -30.42 -5.70 -7.72
CA GLN F 56 -31.52 -5.45 -6.78
C GLN F 56 -31.15 -4.53 -5.62
N ALA F 57 -29.98 -4.76 -5.02
CA ALA F 57 -29.53 -3.92 -3.91
C ALA F 57 -29.52 -2.43 -4.27
N GLU F 58 -29.02 -2.14 -5.46
CA GLU F 58 -28.97 -0.79 -5.97
C GLU F 58 -30.38 -0.24 -6.24
N LYS F 59 -31.22 -1.09 -6.82
CA LYS F 59 -32.54 -0.67 -7.16
C LYS F 59 -33.31 -0.23 -5.94
N LEU F 60 -33.13 -1.02 -4.86
CA LEU F 60 -33.70 -0.87 -3.52
C LEU F 60 -32.90 0.06 -2.65
N ASP F 61 -31.61 0.17 -2.96
CA ASP F 61 -30.76 0.97 -2.12
C ASP F 61 -30.74 0.34 -0.74
N HIS F 62 -30.42 -0.95 -0.77
CA HIS F 62 -30.31 -1.74 0.41
C HIS F 62 -29.41 -2.86 0.05
N HIS F 63 -28.28 -2.82 0.74
CA HIS F 63 -27.16 -3.71 0.50
C HIS F 63 -26.94 -4.71 1.59
N PRO F 64 -26.33 -5.84 1.20
CA PRO F 64 -26.00 -6.90 2.14
C PRO F 64 -24.54 -6.85 2.57
N GLU F 65 -24.25 -7.64 3.60
CA GLU F 65 -22.90 -7.91 4.06
C GLU F 65 -22.66 -9.32 3.60
N TRP F 66 -21.85 -9.48 2.61
CA TRP F 66 -21.67 -10.79 2.10
C TRP F 66 -20.21 -11.08 1.93
N PHE F 67 -19.89 -12.34 1.96
CA PHE F 67 -18.55 -12.81 1.84
C PHE F 67 -18.59 -13.88 0.80
N ASN F 68 -17.56 -13.93 -0.04
CA ASN F 68 -17.54 -14.95 -1.06
C ASN F 68 -16.18 -15.59 -1.25
N VAL F 69 -16.19 -16.91 -1.33
CA VAL F 69 -14.99 -17.67 -1.62
C VAL F 69 -15.36 -18.64 -2.69
N TYR F 70 -14.76 -18.51 -3.84
CA TYR F 70 -15.15 -19.46 -4.89
C TYR F 70 -16.68 -19.60 -5.09
N ASN F 71 -17.19 -20.80 -4.80
CA ASN F 71 -18.60 -21.12 -4.97
C ASN F 71 -19.50 -21.02 -3.72
N LYS F 72 -19.08 -20.27 -2.70
CA LYS F 72 -19.85 -20.08 -1.48
C LYS F 72 -20.12 -18.62 -1.29
N VAL F 73 -21.24 -18.29 -0.64
CA VAL F 73 -21.63 -16.92 -0.35
C VAL F 73 -22.35 -16.84 1.01
N HIS F 74 -21.88 -15.99 1.95
CA HIS F 74 -22.48 -15.86 3.26
C HIS F 74 -23.08 -14.54 3.31
N ILE F 75 -24.34 -14.50 3.64
CA ILE F 75 -24.98 -13.22 3.63
C ILE F 75 -25.52 -12.77 4.94
N THR F 76 -25.22 -11.53 5.25
CA THR F 76 -25.78 -10.97 6.43
C THR F 76 -26.59 -9.79 6.05
N LEU F 77 -27.78 -9.69 6.62
CA LEU F 77 -28.62 -8.58 6.27
C LEU F 77 -29.02 -7.82 7.52
N SER F 78 -28.98 -6.49 7.44
CA SER F 78 -29.38 -5.58 8.50
C SER F 78 -29.47 -4.16 7.99
N THR F 79 -30.33 -3.37 8.58
CA THR F 79 -30.52 -2.01 8.15
C THR F 79 -29.76 -1.06 9.06
N HIS F 80 -28.73 -0.40 8.53
CA HIS F 80 -27.90 0.54 9.31
C HIS F 80 -28.77 1.61 9.93
N GLU F 81 -29.51 2.28 9.03
CA GLU F 81 -30.45 3.34 9.34
C GLU F 81 -31.00 3.21 10.76
N CYS F 82 -31.79 2.17 10.94
CA CYS F 82 -32.40 1.89 12.21
C CYS F 82 -31.64 0.87 13.07
N ALA F 83 -30.47 0.44 12.61
CA ALA F 83 -29.65 -0.52 13.34
C ALA F 83 -30.33 -1.85 13.71
N GLY F 84 -30.80 -2.62 12.74
CA GLY F 84 -31.44 -3.88 13.05
C GLY F 84 -32.35 -4.32 11.93
N LEU F 85 -33.20 -5.30 12.20
CA LEU F 85 -34.03 -5.75 11.15
C LEU F 85 -35.10 -4.77 10.78
N SER F 86 -35.40 -4.73 9.49
CA SER F 86 -36.44 -3.92 8.90
C SER F 86 -37.14 -4.66 7.74
N GLU F 87 -38.27 -4.12 7.30
CA GLU F 87 -38.97 -4.65 6.16
C GLU F 87 -38.02 -4.99 5.05
N ARG F 88 -37.07 -4.07 4.78
CA ARG F 88 -36.09 -4.24 3.70
C ARG F 88 -35.30 -5.54 3.75
N ASP F 89 -34.90 -5.88 4.94
CA ASP F 89 -34.11 -7.07 5.07
C ASP F 89 -34.93 -8.23 4.60
N ILE F 90 -36.17 -8.25 5.06
CA ILE F 90 -37.13 -9.31 4.72
C ILE F 90 -37.29 -9.42 3.17
N ASN F 91 -37.48 -8.26 2.57
CA ASN F 91 -37.66 -8.09 1.16
C ASN F 91 -36.50 -8.55 0.35
N LEU F 92 -35.35 -8.02 0.70
CA LEU F 92 -34.17 -8.48 0.01
C LEU F 92 -33.96 -10.01 0.19
N ALA F 93 -34.21 -10.53 1.41
CA ALA F 93 -34.14 -11.97 1.75
C ALA F 93 -34.94 -12.79 0.78
N SER F 94 -36.20 -12.41 0.66
CA SER F 94 -37.08 -13.13 -0.22
C SER F 94 -36.54 -13.17 -1.64
N PHE F 95 -36.07 -12.02 -2.08
CA PHE F 95 -35.49 -11.90 -3.41
C PHE F 95 -34.31 -12.88 -3.64
N ILE F 96 -33.34 -12.77 -2.75
CA ILE F 96 -32.19 -13.62 -2.78
C ILE F 96 -32.61 -15.08 -2.87
N GLU F 97 -33.55 -15.43 -2.01
CA GLU F 97 -34.09 -16.77 -1.93
C GLU F 97 -34.40 -17.32 -3.33
N GLN F 98 -35.27 -16.58 -4.01
CA GLN F 98 -35.63 -16.88 -5.39
C GLN F 98 -34.42 -16.89 -6.30
N VAL F 99 -33.59 -15.85 -6.28
CA VAL F 99 -32.43 -15.90 -7.15
C VAL F 99 -31.60 -17.17 -6.84
N ALA F 100 -31.54 -17.60 -5.61
CA ALA F 100 -30.66 -18.73 -5.42
C ALA F 100 -31.13 -19.99 -6.10
N VAL F 101 -32.42 -20.37 -5.91
CA VAL F 101 -32.97 -21.60 -6.49
C VAL F 101 -32.80 -21.75 -7.98
N SER F 102 -32.94 -20.63 -8.70
CA SER F 102 -32.81 -20.53 -10.14
C SER F 102 -31.41 -20.89 -10.67
N MET F 103 -30.36 -20.60 -9.88
CA MET F 103 -28.93 -20.83 -10.17
C MET F 103 -28.51 -22.30 -10.12
N THR F 104 -28.87 -22.99 -9.04
CA THR F 104 -28.48 -24.39 -8.91
C THR F 104 -26.97 -24.51 -8.75
N HIS G 6 -41.29 13.24 -20.28
CA HIS G 6 -41.46 14.46 -21.07
C HIS G 6 -40.36 14.70 -22.11
N ARG G 7 -40.75 14.57 -23.36
CA ARG G 7 -39.87 14.79 -24.48
C ARG G 7 -39.29 16.21 -24.46
N LEU G 8 -37.97 16.33 -24.25
CA LEU G 8 -37.35 17.64 -24.18
C LEU G 8 -37.75 18.55 -25.33
N SER G 9 -37.69 19.85 -25.06
CA SER G 9 -37.96 20.91 -26.03
C SER G 9 -36.66 21.25 -26.72
N ALA G 10 -36.72 22.10 -27.74
CA ALA G 10 -35.49 22.53 -28.41
C ALA G 10 -34.72 23.49 -27.50
N GLU G 11 -35.40 24.01 -26.49
CA GLU G 11 -34.80 24.88 -25.53
C GLU G 11 -34.14 23.94 -24.55
N GLU G 12 -34.95 23.07 -23.97
CA GLU G 12 -34.34 22.12 -23.09
C GLU G 12 -33.17 21.50 -23.85
N ARG G 13 -33.46 21.13 -25.09
CA ARG G 13 -32.43 20.46 -25.86
C ARG G 13 -31.16 21.27 -26.03
N ASP G 14 -31.36 22.47 -26.54
CA ASP G 14 -30.24 23.35 -26.85
C ASP G 14 -29.46 23.67 -25.60
N GLN G 15 -30.12 23.46 -24.50
CA GLN G 15 -29.51 23.72 -23.24
C GLN G 15 -28.93 22.48 -22.56
N LEU G 16 -29.24 21.29 -23.05
CA LEU G 16 -28.67 20.14 -22.37
C LEU G 16 -27.71 19.31 -23.20
N LEU G 17 -28.01 19.30 -24.45
CA LEU G 17 -27.24 18.51 -25.35
C LEU G 17 -25.82 18.95 -25.59
N PRO G 18 -25.58 20.25 -25.66
CA PRO G 18 -24.25 20.70 -26.01
C PRO G 18 -23.10 19.91 -25.43
N ASN G 19 -23.10 19.81 -24.11
CA ASN G 19 -22.06 19.05 -23.42
C ASN G 19 -21.86 17.63 -23.92
N LEU G 20 -22.98 16.92 -24.00
CA LEU G 20 -23.03 15.55 -24.49
C LEU G 20 -22.50 15.50 -25.90
N ARG G 21 -22.96 16.47 -26.70
CA ARG G 21 -22.55 16.64 -28.08
C ARG G 21 -21.08 16.91 -28.14
N ALA G 22 -20.64 17.76 -27.24
CA ALA G 22 -19.24 18.08 -27.27
C ALA G 22 -18.37 16.85 -27.17
N VAL G 23 -18.86 15.85 -26.48
CA VAL G 23 -17.99 14.73 -26.29
C VAL G 23 -18.34 13.49 -27.10
N GLY G 24 -19.10 13.70 -28.19
CA GLY G 24 -19.43 12.61 -29.13
C GLY G 24 -20.85 12.03 -29.25
N TRP G 25 -21.82 12.47 -28.46
CA TRP G 25 -23.11 11.87 -28.62
C TRP G 25 -23.89 12.45 -29.79
N ASN G 26 -24.48 11.60 -30.60
CA ASN G 26 -25.26 12.09 -31.71
C ASN G 26 -26.72 11.80 -31.62
N GLU G 27 -27.48 12.71 -32.17
CA GLU G 27 -28.89 12.57 -32.21
C GLU G 27 -29.27 11.84 -33.43
N LEU G 28 -30.18 10.89 -33.25
CA LEU G 28 -30.69 10.20 -34.38
C LEU G 28 -31.75 11.09 -34.95
N GLU G 29 -32.01 10.89 -36.22
CA GLU G 29 -32.95 11.71 -36.91
C GLU G 29 -34.31 11.07 -37.14
N GLY G 30 -34.31 9.84 -37.63
CA GLY G 30 -35.56 9.09 -37.87
C GLY G 30 -36.30 8.69 -36.60
N ARG G 31 -35.57 8.81 -35.50
CA ARG G 31 -36.05 8.52 -34.18
C ARG G 31 -35.42 9.53 -33.24
N ASP G 32 -36.17 9.88 -32.22
CA ASP G 32 -35.67 10.82 -31.24
C ASP G 32 -34.84 10.03 -30.23
N ALA G 33 -33.50 10.05 -30.41
CA ALA G 33 -32.55 9.31 -29.58
C ALA G 33 -31.13 9.81 -29.84
N ILE G 34 -30.28 9.71 -28.81
CA ILE G 34 -28.87 10.09 -28.94
C ILE G 34 -28.08 8.84 -28.85
N PHE G 35 -26.91 8.84 -29.41
CA PHE G 35 -26.21 7.61 -29.31
C PHE G 35 -24.73 7.83 -29.40
N LYS G 36 -23.96 6.81 -29.04
CA LYS G 36 -22.51 6.98 -29.08
C LYS G 36 -21.81 5.66 -28.97
N GLN G 37 -20.72 5.54 -29.67
CA GLN G 37 -19.96 4.32 -29.59
C GLN G 37 -18.81 4.43 -28.61
N PHE G 38 -18.65 3.41 -27.75
CA PHE G 38 -17.50 3.43 -26.85
C PHE G 38 -16.55 2.32 -27.28
N HIS G 39 -15.26 2.55 -27.05
CA HIS G 39 -14.16 1.68 -27.46
C HIS G 39 -13.17 1.57 -26.32
N PHE G 40 -12.75 0.37 -25.94
CA PHE G 40 -11.84 0.19 -24.81
C PHE G 40 -10.71 -0.73 -25.16
N LYS G 41 -9.77 -0.82 -24.22
CA LYS G 41 -8.62 -1.65 -24.39
C LYS G 41 -9.01 -3.09 -24.60
N ASP G 42 -9.98 -3.52 -23.80
CA ASP G 42 -10.38 -4.90 -23.83
C ASP G 42 -11.79 -5.11 -23.30
N PHE G 43 -12.07 -6.41 -23.21
CA PHE G 43 -13.33 -6.95 -22.79
C PHE G 43 -13.60 -6.76 -21.32
N ASN G 44 -12.54 -6.89 -20.52
CA ASN G 44 -12.59 -6.70 -19.07
C ASN G 44 -13.10 -5.30 -18.72
N ARG G 45 -12.63 -4.30 -19.44
CA ARG G 45 -13.06 -2.96 -19.23
C ARG G 45 -14.46 -2.73 -19.78
N ALA G 46 -14.71 -3.27 -20.99
CA ALA G 46 -16.00 -3.11 -21.64
C ALA G 46 -17.11 -3.68 -20.76
N PHE G 47 -16.84 -4.87 -20.24
CA PHE G 47 -17.84 -5.43 -19.36
C PHE G 47 -17.92 -4.71 -18.05
N GLY G 48 -16.75 -4.46 -17.44
CA GLY G 48 -16.67 -3.68 -16.20
C GLY G 48 -17.52 -2.44 -16.41
N PHE G 49 -17.28 -1.81 -17.54
CA PHE G 49 -18.08 -0.65 -17.91
C PHE G 49 -19.59 -0.94 -18.01
N MET G 50 -19.94 -2.00 -18.73
CA MET G 50 -21.36 -2.31 -18.82
C MET G 50 -22.05 -2.56 -17.50
N THR G 51 -21.32 -3.25 -16.62
CA THR G 51 -21.87 -3.56 -15.31
C THR G 51 -22.15 -2.32 -14.48
N ARG G 52 -21.22 -1.37 -14.44
CA ARG G 52 -21.53 -0.20 -13.67
C ARG G 52 -22.69 0.52 -14.31
N VAL G 53 -22.78 0.47 -15.63
CA VAL G 53 -23.94 1.11 -16.21
C VAL G 53 -25.22 0.33 -15.91
N ALA G 54 -25.14 -1.00 -15.88
CA ALA G 54 -26.33 -1.75 -15.59
C ALA G 54 -26.91 -1.42 -14.20
N LEU G 55 -26.05 -1.23 -13.19
CA LEU G 55 -26.50 -0.93 -11.83
C LEU G 55 -27.24 0.39 -11.83
N GLN G 56 -26.70 1.34 -12.55
CA GLN G 56 -27.33 2.60 -12.64
C GLN G 56 -28.64 2.45 -13.36
N ALA G 57 -28.63 1.76 -14.52
CA ALA G 57 -29.84 1.46 -15.31
C ALA G 57 -30.98 0.92 -14.45
N GLU G 58 -30.67 0.04 -13.48
CA GLU G 58 -31.69 -0.50 -12.57
C GLU G 58 -32.15 0.51 -11.52
N LYS G 59 -31.17 1.23 -10.98
CA LYS G 59 -31.46 2.22 -9.98
C LYS G 59 -32.47 3.21 -10.53
N LEU G 60 -32.30 3.56 -11.79
CA LEU G 60 -33.18 4.52 -12.42
C LEU G 60 -34.35 3.89 -13.19
N ASP G 61 -34.29 2.59 -13.41
CA ASP G 61 -35.33 2.03 -14.22
C ASP G 61 -35.38 2.72 -15.58
N HIS G 62 -34.21 2.82 -16.23
CA HIS G 62 -34.01 3.40 -17.55
C HIS G 62 -32.93 2.54 -18.17
N HIS G 63 -33.26 1.85 -19.26
CA HIS G 63 -32.33 0.92 -19.88
C HIS G 63 -31.84 1.34 -21.25
N PRO G 64 -30.59 1.08 -21.48
CA PRO G 64 -30.03 1.43 -22.75
C PRO G 64 -30.33 0.42 -23.79
N GLU G 65 -30.03 0.75 -25.06
CA GLU G 65 -30.04 -0.16 -26.18
C GLU G 65 -28.57 -0.27 -26.55
N TRP G 66 -27.92 -1.38 -26.21
CA TRP G 66 -26.50 -1.43 -26.45
C TRP G 66 -25.92 -2.59 -27.22
N PHE G 67 -24.85 -2.35 -27.88
CA PHE G 67 -24.38 -3.49 -28.61
C PHE G 67 -22.94 -3.65 -28.30
N ASN G 68 -22.53 -4.86 -28.03
CA ASN G 68 -21.15 -5.07 -27.68
C ASN G 68 -20.48 -6.23 -28.41
N VAL G 69 -19.25 -5.96 -28.84
CA VAL G 69 -18.38 -6.91 -29.52
C VAL G 69 -17.01 -6.84 -28.88
N TYR G 70 -16.60 -7.84 -28.09
CA TYR G 70 -15.28 -7.72 -27.48
C TYR G 70 -15.07 -6.39 -26.75
N ASN G 71 -14.25 -5.49 -27.32
CA ASN G 71 -13.90 -4.24 -26.65
C ASN G 71 -14.66 -3.01 -27.05
N LYS G 72 -15.77 -3.15 -27.82
CA LYS G 72 -16.61 -2.04 -28.23
C LYS G 72 -18.03 -2.08 -27.70
N VAL G 73 -18.55 -0.88 -27.41
CA VAL G 73 -19.87 -0.71 -26.89
C VAL G 73 -20.54 0.43 -27.60
N HIS G 74 -21.64 0.08 -28.25
CA HIS G 74 -22.42 1.04 -28.96
C HIS G 74 -23.65 1.29 -28.12
N ILE G 75 -23.83 2.53 -27.70
CA ILE G 75 -24.99 2.86 -26.87
C ILE G 75 -25.98 3.86 -27.52
N THR G 76 -27.30 3.55 -27.46
CA THR G 76 -28.41 4.38 -27.93
C THR G 76 -29.38 4.62 -26.79
N LEU G 77 -29.83 5.86 -26.57
CA LEU G 77 -30.73 6.13 -25.48
C LEU G 77 -32.00 6.83 -25.90
N SER G 78 -33.13 6.44 -25.34
CA SER G 78 -34.35 7.12 -25.64
C SER G 78 -35.35 6.75 -24.57
N THR G 79 -36.44 7.49 -24.46
CA THR G 79 -37.39 7.11 -23.44
C THR G 79 -38.68 6.62 -24.05
N HIS G 80 -39.04 5.38 -23.84
CA HIS G 80 -40.29 4.94 -24.41
C HIS G 80 -41.52 5.70 -23.89
N GLU G 81 -41.65 5.78 -22.59
CA GLU G 81 -42.76 6.45 -21.93
C GLU G 81 -43.24 7.67 -22.70
N CYS G 82 -42.28 8.48 -23.19
CA CYS G 82 -42.56 9.73 -23.89
C CYS G 82 -42.59 9.73 -25.41
N ALA G 83 -41.58 9.14 -26.06
CA ALA G 83 -41.44 9.07 -27.51
C ALA G 83 -40.03 9.30 -27.90
N GLY G 84 -39.36 10.08 -27.09
CA GLY G 84 -37.99 10.42 -27.40
C GLY G 84 -37.21 10.87 -26.19
N LEU G 85 -36.39 11.87 -26.44
CA LEU G 85 -35.53 12.36 -25.40
C LEU G 85 -36.27 12.90 -24.20
N SER G 86 -35.65 12.62 -23.06
CA SER G 86 -36.10 13.04 -21.75
C SER G 86 -34.87 13.28 -20.91
N GLU G 87 -35.10 13.82 -19.71
CA GLU G 87 -34.03 14.11 -18.77
C GLU G 87 -33.31 12.81 -18.45
N ARG G 88 -34.12 11.77 -18.30
CA ARG G 88 -33.59 10.47 -18.03
C ARG G 88 -32.49 10.13 -19.01
N ASP G 89 -32.74 10.22 -20.33
CA ASP G 89 -31.65 9.91 -21.25
C ASP G 89 -30.44 10.78 -20.92
N ILE G 90 -30.75 12.00 -20.67
CA ILE G 90 -29.66 12.90 -20.34
C ILE G 90 -28.74 12.41 -19.24
N ASN G 91 -29.34 12.18 -18.07
CA ASN G 91 -28.68 11.72 -16.87
C ASN G 91 -27.85 10.47 -17.08
N LEU G 92 -28.50 9.53 -17.74
CA LEU G 92 -27.87 8.27 -17.95
C LEU G 92 -26.62 8.47 -18.76
N ALA G 93 -26.83 9.23 -19.85
CA ALA G 93 -25.75 9.64 -20.74
C ALA G 93 -24.51 10.12 -19.97
N SER G 94 -24.75 11.09 -19.07
CA SER G 94 -23.73 11.71 -18.20
C SER G 94 -23.02 10.73 -17.29
N PHE G 95 -23.86 9.93 -16.68
CA PHE G 95 -23.39 8.90 -15.83
C PHE G 95 -22.57 7.98 -16.71
N ILE G 96 -23.15 7.55 -17.78
CA ILE G 96 -22.35 6.78 -18.68
C ILE G 96 -21.02 7.48 -18.94
N GLU G 97 -21.03 8.78 -19.26
CA GLU G 97 -19.77 9.43 -19.51
C GLU G 97 -18.84 9.41 -18.30
N GLN G 98 -19.36 9.61 -17.11
CA GLN G 98 -18.41 9.55 -16.03
C GLN G 98 -17.70 8.22 -15.93
N VAL G 99 -18.47 7.19 -16.04
CA VAL G 99 -17.99 5.83 -15.91
C VAL G 99 -16.96 5.49 -16.93
N ALA G 100 -17.24 5.84 -18.19
CA ALA G 100 -16.35 5.54 -19.30
C ALA G 100 -14.94 6.02 -19.06
N VAL G 101 -14.86 7.08 -18.26
CA VAL G 101 -13.61 7.76 -17.92
C VAL G 101 -12.70 6.94 -17.02
N SER G 102 -13.34 6.18 -16.16
CA SER G 102 -12.69 5.30 -15.22
C SER G 102 -11.97 4.16 -15.93
N MET G 103 -12.28 3.91 -17.19
CA MET G 103 -11.65 2.82 -17.87
C MET G 103 -10.58 3.23 -18.86
N THR G 104 -11.10 3.75 -19.95
CA THR G 104 -10.29 4.22 -21.05
C THR G 104 -9.49 5.44 -20.61
N HIS H 6 -8.48 -23.19 -37.54
CA HIS H 6 -9.65 -24.02 -37.29
C HIS H 6 -11.01 -23.34 -37.63
N ARG H 7 -11.68 -23.90 -38.63
CA ARG H 7 -13.00 -23.47 -39.05
C ARG H 7 -13.75 -24.73 -39.44
N LEU H 8 -14.98 -24.82 -39.05
CA LEU H 8 -15.69 -26.04 -39.31
C LEU H 8 -15.70 -26.55 -40.72
N SER H 9 -15.33 -27.82 -40.78
CA SER H 9 -15.36 -28.57 -42.00
C SER H 9 -16.80 -29.02 -42.12
N ALA H 10 -17.18 -29.48 -43.31
CA ALA H 10 -18.55 -29.90 -43.53
C ALA H 10 -19.03 -31.03 -42.61
N GLU H 11 -18.14 -31.98 -42.34
CA GLU H 11 -18.43 -33.12 -41.49
C GLU H 11 -18.64 -32.65 -40.07
N GLU H 12 -17.76 -31.71 -39.68
CA GLU H 12 -17.82 -31.12 -38.36
C GLU H 12 -19.19 -30.50 -38.11
N ARG H 13 -19.60 -29.68 -39.10
CA ARG H 13 -20.87 -29.01 -38.99
C ARG H 13 -21.91 -30.04 -38.63
N ASP H 14 -21.92 -31.08 -39.45
CA ASP H 14 -22.82 -32.20 -39.35
C ASP H 14 -22.78 -32.80 -37.98
N GLN H 15 -21.60 -32.88 -37.39
CA GLN H 15 -21.49 -33.43 -36.04
C GLN H 15 -22.01 -32.58 -34.88
N LEU H 16 -21.89 -31.27 -34.99
CA LEU H 16 -22.28 -30.42 -33.89
C LEU H 16 -23.40 -29.43 -34.14
N LEU H 17 -23.46 -28.92 -35.32
CA LEU H 17 -24.47 -27.96 -35.62
C LEU H 17 -25.94 -28.37 -35.50
N PRO H 18 -26.25 -29.52 -36.05
CA PRO H 18 -27.62 -29.95 -36.05
C PRO H 18 -28.20 -29.90 -34.66
N ASN H 19 -27.38 -30.26 -33.68
CA ASN H 19 -27.83 -30.19 -32.32
C ASN H 19 -28.17 -28.77 -31.85
N LEU H 20 -27.47 -27.78 -32.37
CA LEU H 20 -27.81 -26.42 -31.97
C LEU H 20 -29.00 -25.90 -32.77
N ARG H 21 -29.02 -26.23 -34.06
CA ARG H 21 -30.19 -25.83 -34.85
C ARG H 21 -31.47 -26.24 -34.12
N ALA H 22 -31.53 -27.50 -33.69
CA ALA H 22 -32.71 -28.01 -32.99
C ALA H 22 -33.07 -27.15 -31.84
N VAL H 23 -32.10 -26.42 -31.31
CA VAL H 23 -32.49 -25.61 -30.17
C VAL H 23 -32.74 -24.18 -30.45
N GLY H 24 -32.70 -23.78 -31.71
CA GLY H 24 -32.99 -22.42 -32.04
C GLY H 24 -31.81 -21.63 -32.59
N TRP H 25 -30.72 -22.35 -32.77
CA TRP H 25 -29.66 -21.57 -33.31
C TRP H 25 -29.81 -21.63 -34.79
N ASN H 26 -29.78 -20.46 -35.37
CA ASN H 26 -29.90 -20.36 -36.80
C ASN H 26 -28.67 -19.76 -37.42
N GLU H 27 -28.47 -20.18 -38.66
CA GLU H 27 -27.37 -19.72 -39.45
C GLU H 27 -27.64 -18.34 -39.96
N LEU H 28 -26.61 -17.71 -40.46
CA LEU H 28 -26.77 -16.35 -40.86
C LEU H 28 -26.52 -16.14 -42.33
N GLU H 29 -27.40 -15.29 -42.92
CA GLU H 29 -27.32 -14.90 -44.31
C GLU H 29 -25.98 -14.22 -44.63
N GLY H 30 -25.31 -14.79 -45.61
CA GLY H 30 -24.04 -14.29 -46.01
C GLY H 30 -22.93 -14.71 -45.09
N ARG H 31 -23.18 -14.46 -43.84
CA ARG H 31 -22.18 -14.75 -42.85
C ARG H 31 -21.98 -16.21 -42.42
N ASP H 32 -20.72 -16.63 -42.24
CA ASP H 32 -20.56 -17.96 -41.66
C ASP H 32 -20.68 -17.86 -40.14
N ALA H 33 -21.93 -17.74 -39.65
CA ALA H 33 -22.15 -17.59 -38.24
C ALA H 33 -23.50 -18.07 -37.79
N ILE H 34 -23.76 -17.95 -36.49
CA ILE H 34 -25.01 -18.37 -35.90
C ILE H 34 -25.59 -17.36 -34.96
N PHE H 35 -26.89 -17.48 -34.83
CA PHE H 35 -27.62 -16.51 -34.08
C PHE H 35 -28.77 -17.12 -33.35
N LYS H 36 -29.25 -16.36 -32.40
CA LYS H 36 -30.37 -16.74 -31.59
C LYS H 36 -30.77 -15.64 -30.60
N GLN H 37 -32.08 -15.34 -30.53
CA GLN H 37 -32.69 -14.36 -29.62
C GLN H 37 -33.12 -15.03 -28.31
N PHE H 38 -32.86 -14.38 -27.19
CA PHE H 38 -33.25 -14.85 -25.90
C PHE H 38 -33.97 -13.73 -25.25
N HIS H 39 -35.11 -14.06 -24.71
CA HIS H 39 -35.96 -13.13 -24.05
C HIS H 39 -36.15 -13.63 -22.65
N PHE H 40 -36.14 -12.71 -21.68
CA PHE H 40 -36.28 -13.08 -20.28
C PHE H 40 -37.40 -12.29 -19.64
N LYS H 41 -37.65 -12.48 -18.36
CA LYS H 41 -38.70 -11.74 -17.71
C LYS H 41 -38.33 -10.27 -17.60
N ASP H 42 -37.07 -10.01 -17.22
CA ASP H 42 -36.58 -8.66 -16.97
C ASP H 42 -35.09 -8.44 -17.21
N PHE H 43 -34.66 -7.21 -16.85
CA PHE H 43 -33.28 -6.81 -17.00
C PHE H 43 -32.40 -7.55 -16.02
N ASN H 44 -32.83 -7.60 -14.78
CA ASN H 44 -32.06 -8.32 -13.79
C ASN H 44 -31.64 -9.68 -14.32
N ARG H 45 -32.62 -10.39 -14.85
CA ARG H 45 -32.37 -11.73 -15.34
C ARG H 45 -31.45 -11.75 -16.54
N ALA H 46 -31.68 -10.81 -17.45
CA ALA H 46 -30.89 -10.73 -18.68
C ALA H 46 -29.45 -10.36 -18.38
N PHE H 47 -29.33 -9.40 -17.47
CA PHE H 47 -27.99 -9.04 -17.08
C PHE H 47 -27.29 -10.18 -16.35
N GLY H 48 -27.99 -10.91 -15.48
CA GLY H 48 -27.35 -12.03 -14.82
C GLY H 48 -26.82 -13.01 -15.86
N PHE H 49 -27.69 -13.26 -16.81
CA PHE H 49 -27.38 -14.13 -17.88
C PHE H 49 -26.10 -13.72 -18.57
N MET H 50 -26.10 -12.47 -18.99
CA MET H 50 -24.96 -11.94 -19.67
C MET H 50 -23.72 -12.10 -18.86
N THR H 51 -23.91 -11.83 -17.59
CA THR H 51 -22.79 -11.96 -16.69
C THR H 51 -22.17 -13.33 -16.61
N ARG H 52 -22.98 -14.39 -16.54
CA ARG H 52 -22.39 -15.72 -16.50
C ARG H 52 -21.71 -16.03 -17.80
N VAL H 53 -22.30 -15.54 -18.86
CA VAL H 53 -21.71 -15.79 -20.14
C VAL H 53 -20.43 -14.99 -20.32
N ALA H 54 -20.43 -13.80 -19.79
CA ALA H 54 -19.23 -13.02 -19.89
C ALA H 54 -18.07 -13.73 -19.18
N LEU H 55 -18.35 -14.22 -17.97
CA LEU H 55 -17.36 -14.99 -17.17
C LEU H 55 -16.74 -16.08 -18.03
N GLN H 56 -17.58 -16.86 -18.71
CA GLN H 56 -17.13 -17.91 -19.63
C GLN H 56 -16.30 -17.35 -20.78
N ALA H 57 -16.79 -16.26 -21.35
CA ALA H 57 -16.17 -15.55 -22.47
C ALA H 57 -14.72 -15.26 -22.22
N GLU H 58 -14.41 -14.73 -21.05
CA GLU H 58 -13.05 -14.45 -20.71
C GLU H 58 -12.31 -15.75 -20.54
N LYS H 59 -12.92 -16.63 -19.75
CA LYS H 59 -12.35 -17.95 -19.47
C LYS H 59 -11.83 -18.62 -20.72
N LEU H 60 -12.63 -18.56 -21.78
CA LEU H 60 -12.31 -19.14 -23.08
C LEU H 60 -11.64 -18.15 -23.99
N ASP H 61 -11.79 -16.87 -23.68
CA ASP H 61 -11.25 -15.86 -24.55
C ASP H 61 -11.85 -16.00 -25.93
N HIS H 62 -13.19 -15.95 -25.95
CA HIS H 62 -14.07 -16.04 -27.11
C HIS H 62 -15.28 -15.23 -26.72
N HIS H 63 -15.67 -14.29 -27.57
CA HIS H 63 -16.73 -13.38 -27.19
C HIS H 63 -17.88 -13.29 -28.17
N PRO H 64 -19.12 -13.20 -27.68
CA PRO H 64 -20.26 -13.12 -28.55
C PRO H 64 -20.46 -11.72 -29.10
N GLU H 65 -21.28 -11.61 -30.12
CA GLU H 65 -21.66 -10.31 -30.55
C GLU H 65 -23.04 -10.33 -30.00
N TRP H 66 -23.26 -9.44 -29.07
CA TRP H 66 -24.56 -9.39 -28.47
C TRP H 66 -25.16 -8.02 -28.39
N PHE H 67 -26.48 -8.05 -28.36
CA PHE H 67 -27.27 -6.87 -28.28
C PHE H 67 -28.27 -7.09 -27.20
N ASN H 68 -28.48 -6.09 -26.38
CA ASN H 68 -29.43 -6.21 -25.29
C ASN H 68 -30.40 -5.05 -25.18
N VAL H 69 -31.66 -5.33 -24.92
CA VAL H 69 -32.61 -4.28 -24.64
C VAL H 69 -33.52 -4.69 -23.52
N TYR H 70 -33.40 -4.04 -22.40
CA TYR H 70 -34.23 -4.45 -21.33
C TYR H 70 -34.04 -5.94 -21.15
N ASN H 71 -35.05 -6.72 -21.50
CA ASN H 71 -34.99 -8.16 -21.31
C ASN H 71 -34.67 -8.99 -22.52
N LYS H 72 -34.16 -8.40 -23.59
CA LYS H 72 -33.88 -9.18 -24.77
C LYS H 72 -32.40 -9.28 -25.02
N VAL H 73 -31.92 -10.45 -25.38
CA VAL H 73 -30.50 -10.60 -25.69
C VAL H 73 -30.38 -11.41 -26.96
N HIS H 74 -29.77 -10.82 -27.98
CA HIS H 74 -29.59 -11.43 -29.29
C HIS H 74 -28.13 -11.69 -29.43
N ILE H 75 -27.79 -12.88 -29.89
CA ILE H 75 -26.40 -13.18 -29.95
C ILE H 75 -26.06 -13.86 -31.20
N THR H 76 -24.88 -13.54 -31.62
CA THR H 76 -24.34 -14.10 -32.82
C THR H 76 -22.98 -14.57 -32.45
N LEU H 77 -22.62 -15.66 -33.03
CA LEU H 77 -21.32 -16.18 -32.78
C LEU H 77 -20.66 -16.58 -34.09
N SER H 78 -19.38 -16.22 -34.22
CA SER H 78 -18.51 -16.48 -35.36
C SER H 78 -17.10 -16.36 -34.84
N THR H 79 -16.08 -16.84 -35.57
CA THR H 79 -14.71 -16.63 -35.13
C THR H 79 -14.04 -15.68 -36.09
N HIS H 80 -13.39 -14.64 -35.58
CA HIS H 80 -12.77 -13.64 -36.42
C HIS H 80 -11.52 -14.14 -37.07
N GLU H 81 -10.67 -14.77 -36.26
CA GLU H 81 -9.42 -15.36 -36.76
C GLU H 81 -9.60 -16.02 -38.12
N CYS H 82 -10.53 -16.98 -38.14
CA CYS H 82 -10.84 -17.81 -39.28
C CYS H 82 -11.96 -17.27 -40.19
N ALA H 83 -12.71 -16.31 -39.66
CA ALA H 83 -13.80 -15.66 -40.36
C ALA H 83 -15.11 -16.42 -40.47
N GLY H 84 -15.21 -17.61 -39.86
CA GLY H 84 -16.43 -18.37 -39.86
C GLY H 84 -16.60 -19.10 -38.57
N LEU H 85 -17.46 -20.10 -38.59
CA LEU H 85 -17.68 -20.85 -37.37
C LEU H 85 -16.47 -21.69 -36.95
N SER H 86 -16.31 -21.97 -35.64
CA SER H 86 -15.23 -22.78 -35.15
C SER H 86 -15.67 -23.49 -33.86
N GLU H 87 -14.91 -24.49 -33.44
CA GLU H 87 -15.38 -25.19 -32.25
C GLU H 87 -15.80 -24.30 -31.11
N ARG H 88 -14.95 -23.34 -30.85
CA ARG H 88 -15.21 -22.43 -29.77
C ARG H 88 -16.61 -21.88 -29.88
N ASP H 89 -16.99 -21.47 -31.10
CA ASP H 89 -18.38 -21.04 -31.24
C ASP H 89 -19.27 -22.10 -30.66
N ILE H 90 -19.04 -23.33 -31.09
CA ILE H 90 -19.84 -24.42 -30.61
C ILE H 90 -19.85 -24.53 -29.11
N ASN H 91 -18.67 -24.54 -28.49
CA ASN H 91 -18.64 -24.67 -27.04
C ASN H 91 -19.30 -23.50 -26.32
N LEU H 92 -19.11 -22.28 -26.83
CA LEU H 92 -19.74 -21.17 -26.15
C LEU H 92 -21.28 -21.25 -26.24
N ALA H 93 -21.76 -21.62 -27.41
CA ALA H 93 -23.18 -21.72 -27.60
C ALA H 93 -23.75 -22.77 -26.68
N SER H 94 -23.02 -23.85 -26.56
CA SER H 94 -23.44 -24.92 -25.69
C SER H 94 -23.53 -24.45 -24.27
N PHE H 95 -22.56 -23.62 -23.89
CA PHE H 95 -22.51 -23.06 -22.59
C PHE H 95 -23.68 -22.12 -22.50
N ILE H 96 -23.75 -21.19 -23.42
CA ILE H 96 -24.92 -20.31 -23.38
C ILE H 96 -26.22 -21.07 -23.15
N GLU H 97 -26.36 -22.24 -23.76
CA GLU H 97 -27.63 -22.96 -23.59
C GLU H 97 -27.84 -23.43 -22.19
N GLN H 98 -26.78 -24.02 -21.66
CA GLN H 98 -26.71 -24.56 -20.32
C GLN H 98 -27.18 -23.48 -19.37
N VAL H 99 -26.73 -22.27 -19.63
CA VAL H 99 -27.09 -21.12 -18.82
C VAL H 99 -28.53 -20.65 -19.06
N ALA H 100 -28.91 -20.43 -20.31
CA ALA H 100 -30.25 -19.94 -20.63
C ALA H 100 -31.31 -20.65 -19.83
N VAL H 101 -31.27 -21.98 -19.90
CA VAL H 101 -32.18 -22.87 -19.20
C VAL H 101 -32.30 -22.62 -17.72
N SER H 102 -31.21 -22.24 -17.09
CA SER H 102 -31.19 -21.91 -15.68
C SER H 102 -32.06 -20.68 -15.35
N MET H 103 -31.85 -19.52 -16.01
CA MET H 103 -32.66 -18.33 -15.76
C MET H 103 -34.14 -18.45 -16.04
N THR H 104 -34.85 -18.21 -14.96
CA THR H 104 -36.27 -18.32 -14.98
C THR H 104 -36.87 -16.96 -14.67
N1 HBI I . 11.74 21.36 2.83
N2 HBI I . 9.48 20.92 2.80
C2 HBI I . 10.58 21.62 2.26
N3 HBI I . 10.35 22.47 1.25
C4 HBI I . 11.38 23.13 0.75
O4 HBI I . 11.18 24.00 -0.29
C4A HBI I . 12.68 22.94 1.26
C8A HBI I . 12.81 21.99 2.36
N8 HBI I . 14.10 21.69 2.96
C7 HBI I . 15.31 22.27 2.22
C6 HBI I . 15.04 23.39 1.14
N5 HBI I . 13.83 23.61 0.71
C9 HBI I . 16.20 24.17 0.52
O9 HBI I . 16.24 23.85 -0.91
C10 HBI I . 16.16 25.73 0.76
O10 HBI I . 16.00 26.12 2.17
C11 HBI I . 17.43 26.42 0.18
N1 HBI J . 9.72 8.48 28.44
N2 HBI J . 8.98 10.66 28.74
C2 HBI J . 8.98 9.34 29.16
N3 HBI J . 8.29 9.05 30.27
C4 HBI J . 8.26 7.77 30.67
O4 HBI J . 7.49 7.34 31.74
C4A HBI J . 8.97 6.77 29.97
C8A HBI J . 9.72 7.22 28.82
N8 HBI J . 10.49 6.26 28.02
C7 HBI J . 10.61 4.87 28.60
C6 HBI J . 9.61 4.48 29.73
N5 HBI J . 8.95 5.40 30.37
C9 HBI J . 9.58 3.02 30.27
O9 HBI J . 9.99 2.86 31.66
C10 HBI J . 8.18 2.35 30.11
O10 HBI J . 7.84 2.25 28.72
C11 HBI J . 8.16 0.92 30.68
N1 HBI K . 31.25 -4.06 24.12
N2 HBI K . 31.48 -6.12 23.16
C2 HBI K . 31.64 -5.30 24.29
N3 HBI K . 32.17 -5.84 25.39
C4 HBI K . 32.35 -5.05 26.46
O4 HBI K . 32.95 -5.59 27.58
C4A HBI K . 31.97 -3.68 26.43
C8A HBI K . 31.42 -3.22 25.16
N8 HBI K . 31.02 -1.83 25.01
C7 HBI K . 31.00 -0.98 26.26
C6 HBI K . 31.81 -1.53 27.48
N5 HBI K . 32.12 -2.79 27.55
C9 HBI K . 32.06 -0.65 28.73
O9 HBI K . 31.47 -1.38 29.86
C10 HBI K . 33.58 -0.36 29.05
O10 HBI K . 34.11 0.37 27.92
C11 HBI K . 33.73 0.47 30.34
N1 HBI L . 32.40 6.76 -2.70
N2 HBI L . 34.65 6.74 -2.26
C2 HBI L . 33.64 6.82 -3.21
N3 HBI L . 33.98 7.02 -4.47
C4 HBI L . 32.99 7.15 -5.36
O4 HBI L . 33.35 7.35 -6.65
C4A HBI L . 31.61 7.05 -4.96
C8A HBI L . 31.38 6.81 -3.54
N8 HBI L . 30.00 6.67 -3.02
C7 HBI L . 28.89 6.94 -3.98
C6 HBI L . 29.27 7.07 -5.50
N5 HBI L . 30.52 7.15 -5.88
C9 HBI L . 28.17 7.29 -6.56
O9 HBI L . 28.25 8.61 -7.13
C10 HBI L . 28.18 6.20 -7.69
O10 HBI L . 28.24 4.92 -7.03
C11 HBI L . 27.28 6.63 -8.95
N1 HBI M . -8.11 -20.00 -5.68
N2 HBI M . -6.66 -19.13 -4.16
C2 HBI M . -6.98 -20.19 -5.01
N3 HBI M . -6.14 -21.22 -5.07
C4 HBI M . -6.44 -22.23 -5.88
O4 HBI M . -5.62 -23.33 -5.94
C4A HBI M . -7.64 -22.19 -6.63
C8A HBI M . -8.43 -20.98 -6.50
N8 HBI M . -9.67 -20.82 -7.27
C7 HBI M . -9.92 -21.88 -8.34
C6 HBI M . -9.11 -23.22 -8.23
N5 HBI M . -8.02 -23.27 -7.51
C9 HBI M . -9.46 -24.44 -9.11
O9 HBI M . -8.33 -24.81 -9.94
C10 HBI M . -9.91 -25.70 -8.28
O10 HBI M . -11.15 -25.43 -7.59
C11 HBI M . -10.14 -26.90 -9.23
N1 HBI N . -27.89 -1.42 3.39
N2 HBI N . -28.14 -3.01 4.99
C2 HBI N . -28.31 -1.70 4.59
N3 HBI N . -28.83 -0.87 5.47
C4 HBI N . -28.97 0.40 5.12
O4 HBI N . -29.54 1.28 6.01
C4A HBI N . -28.55 0.85 3.84
C8A HBI N . -27.98 -0.15 2.98
N8 HBI N . -27.52 0.21 1.65
C7 HBI N . -27.91 1.59 1.16
C6 HBI N . -28.36 2.62 2.23
N5 HBI N . -28.70 2.22 3.41
C9 HBI N . -28.53 4.12 1.88
O9 HBI N . -29.89 4.53 2.10
C10 HBI N . -27.58 5.08 2.67
O10 HBI N . -26.23 4.78 2.37
C11 HBI N . -27.91 6.56 2.43
N1 HBI O . -35.55 2.34 -20.90
N2 HBI O . -34.73 3.51 -22.72
C2 HBI O . -35.72 3.35 -21.75
N3 HBI O . -36.75 4.19 -21.80
C4 HBI O . -37.74 4.03 -20.91
O4 HBI O . -38.81 4.89 -20.91
C4A HBI O . -37.69 2.98 -19.95
C8A HBI O . -36.51 2.12 -19.99
N8 HBI O . -36.38 0.98 -19.06
C7 HBI O . -37.37 0.95 -17.91
C6 HBI O . -38.67 1.84 -18.06
N5 HBI O . -38.73 2.77 -18.97
C9 HBI O . -39.86 1.68 -17.08
O9 HBI O . -40.17 2.91 -16.40
C10 HBI O . -41.20 1.20 -17.71
O10 HBI O . -40.89 -0.06 -18.35
C11 HBI O . -42.29 1.30 -16.61
N1 HBI P . -13.93 -13.54 -30.02
N2 HBI P . -15.68 -14.03 -31.35
C2 HBI P . -14.31 -14.03 -31.19
N3 HBI P . -13.52 -14.43 -32.20
C4 HBI P . -12.20 -14.34 -32.05
O4 HBI P . -11.47 -14.70 -33.15
C4A HBI P . -11.67 -13.82 -30.82
C8A HBI P . -12.62 -13.43 -29.80
N8 HBI P . -12.17 -12.88 -28.53
C7 HBI P . -10.68 -12.99 -28.24
C6 HBI P . -9.74 -13.28 -29.45
N5 HBI P . -10.25 -13.70 -30.59
C9 HBI P . -8.20 -13.17 -29.32
O9 HBI P . -7.50 -14.45 -29.39
C10 HBI P . -7.53 -12.06 -30.23
O10 HBI P . -8.16 -10.80 -29.88
C11 HBI P . -6.00 -12.23 -30.16
#